data_3CQF
#
_entry.id   3CQF
#
_cell.length_a   141.740
_cell.length_b   141.749
_cell.length_c   294.099
_cell.angle_alpha   90.000
_cell.angle_beta   90.000
_cell.angle_gamma   90.000
#
_symmetry.space_group_name_H-M   'C 2 2 21'
#
loop_
_entity.id
_entity.type
_entity.pdbx_description
1 polymer 'Thiol-activated cytolysin'
2 water water
#
_entity_poly.entity_id   1
_entity_poly.type   'polypeptide(L)'
_entity_poly.pdbx_seq_one_letter_code
;MHHHHHHAAAMETQAGNATGAIKNASDINTGIANLKYDSRDILAVNGDKVESFIPKESINSNGKFVVVEREKKSLTTSPV
DILIIDSVVNRTYPGAVQLANKAFADNQPSLLVAKRKPLNISIDLPGMRKENTITVQNPTYGNVAGAVDDLVSTWNEKYS
TTHTLPARMQYTESMVYSKSQIASALNVNAKYLDNSLNIDFNAVANGEKKVMVAAYKQIFYTVSAELPNNPSDLFDNSVT
FDELTRKGVSNSAPPVMVSNVAYGRTVYVKLETTSKSKDVQAAFKALLKNNSVETSGQYKDIFEESTFTAVVLGGDAKEH
NKVVTKDFNEIRNIIKDNAELSFKNPAYPISYTSTFLKDNATAAVHNNTDYIETTTTEYSSAKMTLDHYGAYVAQFDVSW
DEFTFDQNGKEVLTHKTWEGSGKDKTAHYSTVIPLPPNSKNIKIVARECTGLAWEWWRTIINEQNVPLTNEIKVSIGGTT
LYPTATISH
;
_entity_poly.pdbx_strand_id   A,B
#
# COMPACT_ATOMS: atom_id res chain seq x y z
N LYS A 23 62.61 -70.34 -15.60
CA LYS A 23 63.00 -71.21 -14.44
C LYS A 23 61.78 -71.53 -13.56
N ASN A 24 61.43 -70.58 -12.70
CA ASN A 24 60.22 -70.62 -11.90
C ASN A 24 59.37 -69.39 -12.24
N ALA A 25 59.92 -68.52 -13.08
CA ALA A 25 59.12 -67.49 -13.72
C ALA A 25 58.00 -68.23 -14.42
N SER A 26 58.25 -69.50 -14.72
CA SER A 26 57.21 -70.33 -15.27
C SER A 26 56.09 -70.60 -14.26
N ASP A 27 56.44 -70.69 -12.98
CA ASP A 27 55.42 -71.04 -11.99
C ASP A 27 54.66 -69.80 -11.59
N ILE A 28 55.23 -68.63 -11.85
CA ILE A 28 54.46 -67.43 -11.63
C ILE A 28 53.34 -67.42 -12.65
N ASN A 29 53.68 -67.62 -13.92
CA ASN A 29 52.67 -67.61 -14.98
C ASN A 29 51.62 -68.71 -14.78
N THR A 30 52.11 -69.92 -14.52
CA THR A 30 51.23 -71.05 -14.39
C THR A 30 50.33 -70.82 -13.19
N GLY A 31 50.95 -70.43 -12.09
CA GLY A 31 50.21 -70.21 -10.86
C GLY A 31 49.17 -69.14 -11.12
N ILE A 32 49.64 -68.01 -11.65
CA ILE A 32 48.79 -66.84 -11.87
C ILE A 32 47.71 -67.21 -12.83
N ALA A 33 48.12 -67.85 -13.91
CA ALA A 33 47.19 -68.28 -14.93
C ALA A 33 46.05 -69.06 -14.29
N ASN A 34 46.32 -69.62 -13.11
CA ASN A 34 45.39 -70.59 -12.53
C ASN A 34 44.29 -70.04 -11.65
N LEU A 35 44.41 -68.79 -11.26
CA LEU A 35 43.45 -68.20 -10.35
C LEU A 35 42.07 -68.16 -11.00
N LYS A 36 41.03 -68.39 -10.21
CA LYS A 36 39.67 -68.13 -10.67
C LYS A 36 39.04 -67.00 -9.84
N TYR A 37 38.31 -66.12 -10.49
CA TYR A 37 37.54 -65.11 -9.76
C TYR A 37 36.77 -64.26 -10.77
N ASP A 38 35.68 -63.62 -10.33
CA ASP A 38 35.12 -62.55 -11.15
C ASP A 38 35.19 -61.25 -10.36
N SER A 39 35.25 -60.15 -11.08
CA SER A 39 35.59 -58.87 -10.49
C SER A 39 34.49 -58.42 -9.56
N ARG A 40 33.25 -58.67 -10.01
CA ARG A 40 32.05 -58.25 -9.28
C ARG A 40 32.12 -58.78 -7.86
N ASP A 41 32.75 -59.95 -7.71
CA ASP A 41 32.88 -60.59 -6.42
C ASP A 41 33.93 -59.99 -5.53
N ILE A 42 35.19 -60.09 -5.94
CA ILE A 42 36.29 -59.70 -5.08
C ILE A 42 36.36 -58.19 -4.85
N LEU A 43 35.79 -57.44 -5.79
CA LEU A 43 35.94 -55.99 -5.79
C LEU A 43 34.63 -55.24 -5.63
N ALA A 44 33.88 -55.50 -4.57
CA ALA A 44 32.57 -54.89 -4.43
C ALA A 44 32.49 -54.03 -3.21
N VAL A 45 31.64 -53.02 -3.26
CA VAL A 45 31.30 -52.26 -2.07
C VAL A 45 29.78 -52.24 -2.05
N ASN A 46 29.21 -52.08 -0.84
CA ASN A 46 27.77 -52.12 -0.62
C ASN A 46 27.37 -51.29 0.59
N GLY A 47 26.38 -50.42 0.40
CA GLY A 47 25.78 -49.65 1.50
C GLY A 47 24.86 -50.56 2.31
N ASP A 48 24.49 -50.12 3.51
CA ASP A 48 23.76 -51.00 4.44
C ASP A 48 22.23 -50.88 4.31
N LYS A 49 21.59 -51.88 3.68
CA LYS A 49 20.13 -51.93 3.63
C LYS A 49 19.52 -50.61 4.14
N VAL A 50 18.58 -50.05 3.38
CA VAL A 50 18.14 -48.67 3.61
C VAL A 50 17.60 -48.38 5.01
N GLU A 51 16.30 -48.57 5.15
CA GLU A 51 15.66 -48.45 6.45
C GLU A 51 14.28 -47.71 6.39
N SER A 52 13.97 -46.86 7.38
CA SER A 52 12.61 -46.28 7.44
C SER A 52 12.53 -44.76 7.54
N PHE A 53 11.51 -44.25 6.83
CA PHE A 53 11.35 -42.84 6.51
C PHE A 53 9.85 -42.60 6.32
N ILE A 54 9.44 -41.33 6.34
CA ILE A 54 8.05 -41.04 6.04
C ILE A 54 7.86 -40.72 4.56
N PRO A 55 7.24 -41.64 3.79
CA PRO A 55 7.18 -41.60 2.30
C PRO A 55 6.52 -40.38 1.63
N LYS A 56 5.61 -39.71 2.34
CA LYS A 56 4.85 -38.56 1.85
C LYS A 56 4.37 -37.80 3.07
N GLU A 57 4.80 -36.56 3.22
CA GLU A 57 4.55 -35.84 4.45
C GLU A 57 4.87 -34.36 4.26
N SER A 58 4.12 -33.48 4.92
CA SER A 58 4.28 -32.04 4.66
C SER A 58 5.06 -31.43 5.78
N ILE A 59 5.15 -30.10 5.82
CA ILE A 59 5.88 -29.40 6.87
C ILE A 59 5.92 -27.92 6.56
N ASN A 60 6.05 -27.07 7.57
CA ASN A 60 6.00 -25.63 7.31
C ASN A 60 7.32 -24.91 7.59
N SER A 61 7.98 -24.41 6.55
CA SER A 61 9.22 -23.64 6.72
C SER A 61 9.32 -22.42 5.81
N ASN A 62 10.02 -21.38 6.28
CA ASN A 62 10.14 -20.10 5.54
C ASN A 62 8.80 -19.43 5.33
N GLY A 63 7.73 -20.07 5.80
CA GLY A 63 6.38 -19.59 5.56
C GLY A 63 5.74 -20.27 4.36
N LYS A 64 6.51 -21.13 3.69
CA LYS A 64 5.96 -21.89 2.56
C LYS A 64 5.55 -23.30 3.01
N PHE A 65 4.35 -23.70 2.65
CA PHE A 65 3.92 -25.06 2.91
C PHE A 65 4.68 -25.97 1.95
N VAL A 66 5.39 -26.97 2.47
CA VAL A 66 6.26 -27.85 1.67
C VAL A 66 5.84 -29.30 1.66
N VAL A 67 5.29 -29.82 0.57
CA VAL A 67 5.19 -31.26 0.45
C VAL A 67 6.64 -31.75 0.51
N VAL A 68 6.83 -33.02 0.87
CA VAL A 68 8.15 -33.66 0.99
C VAL A 68 8.04 -35.14 0.72
N GLU A 69 8.42 -35.62 -0.47
CA GLU A 69 8.39 -37.08 -0.69
C GLU A 69 9.71 -37.79 -0.34
N ARG A 70 9.65 -39.13 -0.27
CA ARG A 70 10.79 -39.94 0.14
C ARG A 70 10.74 -41.31 -0.48
N GLU A 71 11.92 -41.84 -0.81
CA GLU A 71 11.99 -43.07 -1.58
C GLU A 71 13.40 -43.67 -1.55
N LYS A 72 13.43 -45.00 -1.50
CA LYS A 72 14.67 -45.73 -1.60
C LYS A 72 14.91 -45.93 -3.07
N LYS A 73 16.08 -45.51 -3.55
CA LYS A 73 16.57 -45.95 -4.87
C LYS A 73 17.86 -46.75 -4.72
N SER A 74 18.24 -47.40 -5.81
CA SER A 74 19.51 -48.13 -5.89
C SER A 74 20.51 -47.46 -6.86
N LEU A 75 21.43 -46.66 -6.32
CA LEU A 75 22.61 -46.14 -7.05
C LEU A 75 23.70 -47.21 -7.38
N THR A 76 24.09 -47.32 -8.65
CA THR A 76 24.97 -48.42 -9.05
C THR A 76 26.21 -48.08 -9.89
N THR A 77 27.10 -47.25 -9.31
CA THR A 77 28.47 -46.95 -9.80
C THR A 77 29.29 -48.15 -10.24
N SER A 78 30.47 -47.89 -10.77
CA SER A 78 31.21 -48.94 -11.45
C SER A 78 32.59 -48.50 -11.99
N PRO A 79 33.30 -47.65 -11.24
CA PRO A 79 34.41 -46.89 -11.78
C PRO A 79 35.61 -47.71 -12.27
N VAL A 80 36.34 -47.15 -13.23
CA VAL A 80 37.66 -47.68 -13.58
C VAL A 80 38.65 -46.57 -13.41
N ASP A 81 38.32 -45.62 -12.55
CA ASP A 81 39.25 -44.56 -12.21
C ASP A 81 39.46 -44.47 -10.71
N ILE A 82 39.85 -45.60 -10.10
CA ILE A 82 39.99 -45.74 -8.65
C ILE A 82 40.52 -44.51 -7.94
N LEU A 83 39.82 -43.95 -6.96
CA LEU A 83 40.37 -42.76 -6.33
C LEU A 83 41.62 -43.10 -5.59
N ILE A 84 42.24 -42.10 -4.99
CA ILE A 84 43.50 -42.27 -4.29
C ILE A 84 43.56 -41.41 -3.05
N ILE A 85 43.53 -42.01 -1.86
CA ILE A 85 43.48 -41.20 -0.63
C ILE A 85 44.85 -40.73 -0.14
N ASP A 86 44.93 -39.44 0.15
CA ASP A 86 46.10 -38.76 0.71
C ASP A 86 47.08 -39.68 1.50
N SER A 87 46.70 -40.00 2.74
CA SER A 87 47.51 -40.85 3.64
C SER A 87 48.04 -42.16 3.00
N VAL A 88 47.19 -42.84 2.23
CA VAL A 88 47.56 -44.08 1.53
C VAL A 88 48.07 -43.87 0.09
N VAL A 89 48.91 -42.83 -0.08
CA VAL A 89 49.38 -42.34 -1.39
C VAL A 89 50.60 -43.11 -1.88
N ASN A 90 51.61 -43.18 -0.99
CA ASN A 90 52.83 -44.00 -1.16
C ASN A 90 52.59 -45.52 -1.43
N ARG A 91 51.34 -45.94 -1.59
CA ARG A 91 51.02 -47.32 -1.90
C ARG A 91 50.62 -47.45 -3.34
N THR A 92 50.35 -46.31 -3.95
CA THR A 92 49.88 -46.32 -5.33
C THR A 92 50.76 -45.49 -6.18
N TYR A 93 51.42 -46.09 -7.16
CA TYR A 93 52.32 -45.35 -8.00
C TYR A 93 52.43 -46.17 -9.26
N PRO A 94 52.82 -45.55 -10.37
CA PRO A 94 52.80 -46.30 -11.61
C PRO A 94 53.72 -47.49 -11.53
N GLY A 95 53.25 -48.63 -12.04
CA GLY A 95 54.02 -49.86 -12.01
C GLY A 95 53.88 -50.70 -10.72
N ALA A 96 53.35 -50.15 -9.63
CA ALA A 96 53.17 -50.91 -8.40
C ALA A 96 52.24 -52.14 -8.58
N VAL A 97 52.49 -53.22 -7.83
CA VAL A 97 51.56 -54.38 -7.88
C VAL A 97 50.74 -54.41 -6.59
N GLN A 98 49.45 -54.69 -6.69
CA GLN A 98 48.56 -54.59 -5.52
C GLN A 98 47.58 -55.70 -5.50
N LEU A 99 46.99 -55.92 -4.33
CA LEU A 99 46.04 -57.00 -4.20
C LEU A 99 44.62 -56.53 -4.44
N ALA A 100 44.00 -57.12 -5.46
CA ALA A 100 42.60 -56.83 -5.80
C ALA A 100 41.60 -57.41 -4.78
N ASN A 101 41.29 -56.66 -3.73
CA ASN A 101 40.48 -57.23 -2.69
C ASN A 101 39.63 -56.19 -1.94
N LYS A 102 38.89 -56.64 -0.94
CA LYS A 102 37.97 -55.75 -0.26
C LYS A 102 38.66 -54.53 0.32
N ALA A 103 39.92 -54.65 0.73
CA ALA A 103 40.59 -53.43 1.22
C ALA A 103 41.01 -52.49 0.08
N PHE A 104 41.15 -53.06 -1.10
CA PHE A 104 41.37 -52.28 -2.30
C PHE A 104 40.09 -51.49 -2.48
N ALA A 105 39.02 -52.23 -2.70
CA ALA A 105 37.72 -51.66 -2.98
C ALA A 105 37.35 -50.59 -1.96
N ASP A 106 38.20 -50.37 -0.99
CA ASP A 106 37.83 -49.55 0.12
C ASP A 106 38.84 -48.45 0.28
N ASN A 107 39.70 -48.35 -0.73
CA ASN A 107 40.67 -47.27 -0.84
C ASN A 107 41.93 -47.37 0.01
N GLN A 108 42.22 -48.58 0.49
CA GLN A 108 43.38 -48.87 1.34
C GLN A 108 44.05 -50.09 0.72
N PRO A 109 44.57 -49.93 -0.51
CA PRO A 109 44.99 -51.16 -1.15
C PRO A 109 46.22 -51.75 -0.47
N SER A 110 46.31 -53.06 -0.44
CA SER A 110 47.51 -53.64 0.09
C SER A 110 48.54 -53.76 -1.00
N LEU A 111 49.71 -53.21 -0.71
CA LEU A 111 50.84 -53.25 -1.62
C LEU A 111 51.48 -54.64 -1.62
N LEU A 112 51.97 -55.13 -2.75
CA LEU A 112 52.52 -56.48 -2.73
C LEU A 112 54.02 -56.48 -3.01
N VAL A 113 54.82 -56.15 -2.00
CA VAL A 113 56.28 -55.97 -2.16
C VAL A 113 57.12 -57.20 -2.59
N ALA A 114 57.85 -57.08 -3.68
CA ALA A 114 58.70 -58.17 -4.12
C ALA A 114 59.72 -57.62 -5.12
N LYS A 115 60.87 -58.27 -5.20
CA LYS A 115 61.94 -57.81 -6.08
C LYS A 115 61.46 -57.81 -7.52
N ARG A 116 61.88 -56.77 -8.24
CA ARG A 116 61.29 -56.43 -9.52
C ARG A 116 62.28 -56.43 -10.65
N LYS A 117 61.84 -56.85 -11.84
CA LYS A 117 62.58 -56.55 -13.08
C LYS A 117 62.47 -55.07 -13.42
N PRO A 118 63.29 -54.58 -14.35
CA PRO A 118 63.09 -53.14 -14.58
C PRO A 118 61.81 -52.90 -15.42
N LEU A 119 61.30 -51.69 -15.40
CA LEU A 119 60.01 -51.38 -16.04
C LEU A 119 60.03 -50.01 -16.67
N ASN A 120 59.40 -49.91 -17.84
CA ASN A 120 59.27 -48.62 -18.51
C ASN A 120 58.00 -47.88 -18.10
N ILE A 121 58.17 -46.66 -17.58
CA ILE A 121 57.06 -45.76 -17.37
C ILE A 121 57.20 -44.61 -18.33
N SER A 122 56.09 -44.18 -18.96
CA SER A 122 56.10 -43.11 -19.97
C SER A 122 55.00 -42.03 -19.81
N ILE A 123 55.37 -40.84 -19.32
CA ILE A 123 54.43 -39.71 -19.17
C ILE A 123 53.69 -39.34 -20.47
N ASP A 124 52.53 -38.68 -20.35
CA ASP A 124 51.82 -38.10 -21.53
C ASP A 124 51.84 -36.55 -21.63
N LEU A 125 52.80 -35.87 -20.99
CA LEU A 125 52.84 -34.41 -21.02
C LEU A 125 52.81 -33.79 -22.40
N PRO A 126 52.17 -32.62 -22.47
CA PRO A 126 51.90 -31.86 -23.68
C PRO A 126 53.01 -31.99 -24.73
N GLY A 127 54.19 -31.46 -24.40
CA GLY A 127 55.32 -31.33 -25.33
C GLY A 127 55.64 -32.56 -26.17
N MET A 128 54.55 -33.24 -26.56
CA MET A 128 54.56 -34.56 -27.23
C MET A 128 55.96 -35.11 -27.68
N ARG A 129 56.69 -35.73 -26.74
CA ARG A 129 58.05 -36.14 -27.00
C ARG A 129 58.12 -37.57 -27.39
N LYS A 130 59.31 -37.96 -27.88
CA LYS A 130 59.67 -39.35 -28.07
C LYS A 130 60.66 -39.64 -26.95
N GLU A 131 61.07 -38.56 -26.28
CA GLU A 131 61.97 -38.65 -25.14
C GLU A 131 61.17 -38.62 -23.83
N ASN A 132 59.99 -39.21 -23.84
CA ASN A 132 59.10 -39.08 -22.69
C ASN A 132 59.21 -40.31 -21.79
N THR A 133 59.41 -41.47 -22.41
CA THR A 133 59.68 -42.71 -21.70
C THR A 133 60.94 -42.64 -20.83
N ILE A 134 60.83 -43.09 -19.58
CA ILE A 134 62.03 -43.45 -18.83
C ILE A 134 61.96 -44.92 -18.51
N THR A 135 63.10 -45.51 -18.19
CA THR A 135 63.06 -46.90 -17.79
C THR A 135 63.71 -47.09 -16.43
N VAL A 136 62.90 -47.59 -15.49
CA VAL A 136 63.25 -47.62 -14.07
C VAL A 136 63.74 -49.00 -13.71
N GLN A 137 64.86 -49.05 -13.00
CA GLN A 137 65.55 -50.32 -12.77
C GLN A 137 64.79 -51.14 -11.74
N ASN A 138 64.49 -50.47 -10.61
CA ASN A 138 63.66 -51.02 -9.54
C ASN A 138 62.44 -50.15 -9.32
N PRO A 139 61.29 -50.63 -9.83
CA PRO A 139 60.02 -49.98 -9.78
C PRO A 139 59.51 -49.84 -8.36
N THR A 140 60.30 -49.27 -7.46
CA THR A 140 59.80 -49.10 -6.11
C THR A 140 59.30 -47.68 -5.96
N TYR A 141 58.28 -47.48 -5.15
CA TYR A 141 57.68 -46.16 -5.07
C TYR A 141 58.69 -45.06 -5.23
N GLY A 142 59.57 -44.90 -4.25
CA GLY A 142 60.49 -43.76 -4.23
C GLY A 142 61.13 -43.48 -5.58
N ASN A 143 61.67 -44.54 -6.18
CA ASN A 143 62.27 -44.46 -7.49
C ASN A 143 61.27 -43.97 -8.53
N VAL A 144 60.21 -44.75 -8.77
CA VAL A 144 59.19 -44.36 -9.73
C VAL A 144 58.77 -42.93 -9.47
N ALA A 145 58.46 -42.58 -8.24
CA ALA A 145 58.10 -41.21 -7.92
C ALA A 145 59.11 -40.30 -8.55
N GLY A 146 60.38 -40.49 -8.20
CA GLY A 146 61.48 -39.70 -8.77
C GLY A 146 61.53 -39.65 -10.29
N ALA A 147 61.46 -40.80 -10.96
CA ALA A 147 61.44 -40.85 -12.41
C ALA A 147 60.37 -39.91 -12.95
N VAL A 148 59.19 -39.95 -12.34
CA VAL A 148 58.15 -39.04 -12.72
C VAL A 148 58.68 -37.62 -12.56
N ASP A 149 58.89 -37.18 -11.31
CA ASP A 149 59.52 -35.87 -11.03
C ASP A 149 60.58 -35.35 -12.03
N ASP A 150 61.42 -36.26 -12.53
CA ASP A 150 62.43 -35.91 -13.54
C ASP A 150 61.74 -35.49 -14.82
N LEU A 151 61.06 -36.45 -15.45
CA LEU A 151 60.18 -36.23 -16.60
C LEU A 151 59.35 -34.95 -16.50
N VAL A 152 58.73 -34.72 -15.36
CA VAL A 152 57.99 -33.49 -15.20
C VAL A 152 58.89 -32.29 -15.42
N SER A 153 59.92 -32.11 -14.59
CA SER A 153 60.75 -30.90 -14.70
C SER A 153 61.74 -30.89 -15.90
N THR A 154 61.72 -31.96 -16.71
CA THR A 154 62.28 -31.96 -18.06
C THR A 154 61.38 -31.11 -18.95
N TRP A 155 60.20 -31.65 -19.27
CA TRP A 155 59.16 -30.91 -20.01
C TRP A 155 59.00 -29.49 -19.46
N ASN A 156 58.98 -29.34 -18.14
CA ASN A 156 58.89 -28.01 -17.57
C ASN A 156 60.05 -27.06 -17.87
N GLU A 157 61.22 -27.60 -18.18
CA GLU A 157 62.36 -26.77 -18.58
C GLU A 157 62.41 -26.61 -20.09
N LYS A 158 62.52 -27.72 -20.79
CA LYS A 158 62.66 -27.71 -22.23
C LYS A 158 61.34 -27.82 -23.05
N TYR A 159 60.24 -27.19 -22.60
CA TYR A 159 58.92 -27.27 -23.30
C TYR A 159 57.85 -26.40 -22.63
N SER A 160 58.14 -25.96 -21.41
CA SER A 160 57.16 -25.36 -20.50
C SER A 160 56.19 -24.36 -21.12
N THR A 161 56.72 -23.44 -21.93
CA THR A 161 55.88 -22.49 -22.68
C THR A 161 55.80 -22.86 -24.18
N THR A 162 56.90 -23.31 -24.74
CA THR A 162 56.86 -23.86 -26.10
C THR A 162 55.54 -24.62 -26.30
N HIS A 163 54.99 -25.17 -25.20
CA HIS A 163 53.73 -25.93 -25.23
C HIS A 163 52.67 -25.53 -24.14
N THR A 164 51.47 -26.10 -24.26
CA THR A 164 50.35 -25.65 -23.44
C THR A 164 49.31 -26.76 -23.15
N LEU A 165 48.73 -26.68 -21.96
CA LEU A 165 48.00 -27.82 -21.38
C LEU A 165 46.51 -27.95 -21.71
N PRO A 166 46.14 -29.07 -22.36
CA PRO A 166 44.76 -29.32 -22.74
C PRO A 166 43.94 -29.56 -21.50
N ALA A 167 42.97 -28.70 -21.22
CA ALA A 167 42.06 -28.90 -20.09
C ALA A 167 41.51 -30.33 -20.11
N ARG A 168 41.88 -31.11 -19.09
CA ARG A 168 41.37 -32.46 -18.92
C ARG A 168 40.86 -32.46 -17.53
N MET A 169 39.76 -33.17 -17.30
CA MET A 169 39.03 -33.11 -16.04
C MET A 169 38.20 -34.34 -15.77
N GLN A 170 38.16 -34.77 -14.52
CA GLN A 170 37.13 -35.67 -14.05
C GLN A 170 36.14 -34.81 -13.25
N TYR A 171 34.96 -34.56 -13.85
CA TYR A 171 33.99 -33.68 -13.21
C TYR A 171 32.80 -34.49 -12.78
N THR A 172 32.36 -34.25 -11.54
CA THR A 172 31.17 -34.92 -11.02
C THR A 172 30.44 -34.01 -10.10
N GLU A 173 29.13 -34.14 -10.12
CA GLU A 173 28.25 -33.30 -9.32
C GLU A 173 27.03 -34.12 -8.97
N SER A 174 26.59 -33.96 -7.72
CA SER A 174 25.27 -34.47 -7.34
C SER A 174 24.64 -33.83 -6.10
N MET A 175 23.34 -34.05 -5.96
CA MET A 175 22.63 -33.68 -4.75
C MET A 175 23.05 -34.69 -3.68
N VAL A 176 23.07 -34.28 -2.41
CA VAL A 176 23.54 -35.19 -1.35
C VAL A 176 22.39 -35.81 -0.57
N TYR A 177 22.35 -37.13 -0.47
CA TYR A 177 21.45 -37.76 0.52
C TYR A 177 22.19 -38.47 1.70
N SER A 178 22.84 -39.61 1.46
CA SER A 178 23.68 -40.23 2.50
C SER A 178 25.15 -40.10 2.15
N LYS A 179 26.03 -40.14 3.17
CA LYS A 179 27.47 -40.32 2.95
C LYS A 179 27.64 -41.50 1.99
N SER A 180 27.02 -42.62 2.30
CA SER A 180 27.07 -43.74 1.35
C SER A 180 26.88 -43.33 -0.13
N GLN A 181 25.96 -42.41 -0.36
CA GLN A 181 25.51 -42.13 -1.73
C GLN A 181 26.30 -41.02 -2.44
N ILE A 182 26.54 -39.91 -1.73
CA ILE A 182 27.31 -38.83 -2.34
C ILE A 182 28.65 -39.39 -2.79
N ALA A 183 29.41 -39.92 -1.83
CA ALA A 183 30.60 -40.71 -2.13
C ALA A 183 30.28 -41.50 -3.38
N SER A 184 29.59 -42.61 -3.24
CA SER A 184 29.47 -43.45 -4.39
C SER A 184 29.31 -42.69 -5.70
N ALA A 185 28.61 -41.57 -5.66
CA ALA A 185 28.14 -40.88 -6.89
C ALA A 185 29.15 -39.88 -7.38
N LEU A 186 29.33 -38.79 -6.65
CA LEU A 186 30.53 -37.99 -6.76
C LEU A 186 31.82 -38.74 -7.08
N ASN A 187 31.81 -40.07 -7.11
CA ASN A 187 33.06 -40.87 -7.01
C ASN A 187 34.23 -40.39 -6.12
N VAL A 188 33.99 -40.10 -4.85
CA VAL A 188 35.10 -39.81 -3.95
C VAL A 188 35.06 -40.69 -2.69
N ASN A 189 35.84 -40.30 -1.67
CA ASN A 189 35.86 -41.06 -0.42
C ASN A 189 35.05 -40.40 0.70
N ALA A 190 34.05 -41.13 1.23
CA ALA A 190 33.04 -40.56 2.11
C ALA A 190 33.61 -39.78 3.32
N LYS A 191 34.45 -40.42 4.11
CA LYS A 191 35.02 -39.69 5.24
C LYS A 191 35.73 -38.44 4.70
N TYR A 192 36.71 -38.65 3.84
CA TYR A 192 37.55 -37.56 3.36
C TYR A 192 36.72 -36.33 3.00
N LEU A 193 35.62 -36.57 2.29
CA LEU A 193 34.69 -35.53 1.84
C LEU A 193 34.01 -34.83 3.00
N ASP A 194 33.35 -35.63 3.83
CA ASP A 194 32.59 -35.09 4.94
C ASP A 194 33.53 -34.41 5.92
N ASN A 195 34.73 -34.94 6.01
CA ASN A 195 35.70 -34.33 6.88
C ASN A 195 35.97 -32.89 6.45
N SER A 196 35.93 -32.64 5.15
CA SER A 196 36.33 -31.34 4.61
C SER A 196 35.13 -30.41 4.46
N LEU A 197 33.99 -30.99 4.08
CA LEU A 197 32.79 -30.22 3.79
C LEU A 197 31.81 -30.07 4.95
N ASN A 198 31.42 -31.18 5.58
CA ASN A 198 30.48 -31.16 6.72
C ASN A 198 29.00 -31.19 6.34
N ILE A 199 28.66 -32.08 5.43
CA ILE A 199 27.31 -32.21 4.94
C ILE A 199 26.30 -32.57 6.04
N ASP A 200 25.55 -31.58 6.50
CA ASP A 200 24.45 -31.82 7.44
C ASP A 200 23.39 -32.73 6.79
N PHE A 201 23.80 -33.93 6.40
CA PHE A 201 22.90 -34.87 5.76
C PHE A 201 21.49 -34.91 6.34
N ASN A 202 21.33 -34.30 7.50
CA ASN A 202 20.10 -34.42 8.30
C ASN A 202 19.02 -33.42 7.90
N ALA A 203 19.27 -32.14 8.22
CA ALA A 203 18.46 -31.08 7.68
C ALA A 203 17.96 -31.63 6.33
N VAL A 204 18.88 -31.96 5.44
CA VAL A 204 18.50 -32.57 4.17
C VAL A 204 17.54 -33.74 4.30
N ALA A 205 17.73 -34.58 5.31
CA ALA A 205 17.04 -35.85 5.29
C ALA A 205 15.56 -35.57 5.47
N ASN A 206 15.26 -34.47 6.17
CA ASN A 206 13.88 -33.99 6.34
C ASN A 206 13.70 -32.48 6.11
N GLY A 207 13.20 -32.11 4.93
CA GLY A 207 12.81 -30.73 4.62
C GLY A 207 13.64 -29.51 5.00
N GLU A 208 14.54 -29.57 5.98
CA GLU A 208 15.15 -28.33 6.49
C GLU A 208 16.11 -27.57 5.53
N LYS A 209 16.65 -28.26 4.55
CA LYS A 209 17.82 -27.79 3.80
C LYS A 209 17.94 -28.58 2.50
N LYS A 210 18.49 -27.96 1.45
CA LYS A 210 18.81 -28.66 0.18
C LYS A 210 20.26 -28.42 -0.24
N VAL A 211 20.96 -29.49 -0.61
CA VAL A 211 22.42 -29.42 -0.86
C VAL A 211 22.91 -30.27 -2.03
N MET A 212 23.74 -29.66 -2.90
CA MET A 212 24.61 -30.43 -3.82
C MET A 212 26.10 -30.07 -3.74
N VAL A 213 26.87 -31.02 -4.26
CA VAL A 213 28.31 -31.01 -4.14
C VAL A 213 28.91 -31.37 -5.47
N ALA A 214 29.96 -30.63 -5.80
CA ALA A 214 30.60 -30.88 -7.06
C ALA A 214 32.06 -31.17 -6.82
N ALA A 215 32.55 -32.19 -7.52
CA ALA A 215 33.95 -32.51 -7.46
C ALA A 215 34.61 -32.17 -8.78
N TYR A 216 35.48 -31.15 -8.73
CA TYR A 216 36.28 -30.77 -9.88
C TYR A 216 37.66 -31.45 -9.84
N LYS A 217 37.79 -32.61 -10.47
CA LYS A 217 39.07 -33.32 -10.48
C LYS A 217 39.89 -33.03 -11.74
N GLN A 218 40.81 -32.07 -11.65
CA GLN A 218 41.59 -31.58 -12.80
C GLN A 218 42.84 -32.40 -13.09
N ILE A 219 42.98 -32.93 -14.29
CA ILE A 219 44.22 -33.61 -14.66
C ILE A 219 45.29 -32.71 -15.34
N PHE A 220 46.51 -32.73 -14.86
CA PHE A 220 47.58 -32.07 -15.58
C PHE A 220 48.43 -33.05 -16.44
N TYR A 221 48.61 -34.29 -15.96
CA TYR A 221 49.23 -35.39 -16.76
C TYR A 221 48.98 -36.79 -16.21
N THR A 222 49.15 -37.80 -17.06
CA THR A 222 49.11 -39.15 -16.54
C THR A 222 50.28 -40.04 -16.96
N VAL A 223 51.06 -40.51 -15.97
CA VAL A 223 52.13 -41.49 -16.21
C VAL A 223 51.61 -42.86 -16.34
N SER A 224 52.22 -43.64 -17.20
CA SER A 224 51.61 -44.89 -17.58
C SER A 224 52.71 -45.92 -17.47
N ALA A 225 52.37 -47.19 -17.38
CA ALA A 225 53.38 -48.20 -17.05
C ALA A 225 53.23 -49.45 -17.88
N GLU A 226 54.28 -49.80 -18.60
CA GLU A 226 54.16 -50.83 -19.62
C GLU A 226 53.49 -52.09 -19.11
N LEU A 227 52.23 -52.27 -19.44
CA LEU A 227 51.64 -53.58 -19.26
C LEU A 227 52.70 -54.59 -19.72
N PRO A 228 53.00 -55.60 -18.89
CA PRO A 228 54.00 -56.60 -19.30
C PRO A 228 53.31 -57.81 -19.89
N ASN A 229 53.79 -58.24 -21.04
CA ASN A 229 53.24 -59.41 -21.73
C ASN A 229 52.91 -60.60 -20.80
N ASN A 230 53.90 -61.02 -20.01
CA ASN A 230 53.67 -62.12 -19.05
C ASN A 230 53.98 -61.72 -17.62
N PRO A 231 53.09 -62.05 -16.67
CA PRO A 231 53.17 -61.43 -15.34
C PRO A 231 54.53 -61.60 -14.74
N SER A 232 55.12 -62.77 -14.98
CA SER A 232 56.46 -63.10 -14.52
C SER A 232 57.45 -61.97 -14.82
N ASP A 233 57.23 -61.32 -15.94
CA ASP A 233 58.12 -60.25 -16.42
C ASP A 233 58.24 -59.10 -15.44
N LEU A 234 57.51 -59.16 -14.33
CA LEU A 234 57.42 -58.02 -13.43
C LEU A 234 58.41 -58.15 -12.28
N PHE A 235 58.78 -59.42 -12.08
CA PHE A 235 59.47 -59.87 -10.88
C PHE A 235 60.81 -60.44 -11.23
N ASP A 236 61.80 -60.09 -10.43
CA ASP A 236 63.10 -60.77 -10.45
C ASP A 236 62.98 -62.30 -10.60
N ASN A 237 64.08 -63.03 -10.68
CA ASN A 237 63.98 -64.50 -10.72
C ASN A 237 63.98 -65.12 -9.34
N SER A 238 64.46 -64.35 -8.39
CA SER A 238 64.53 -64.77 -7.01
C SER A 238 63.13 -64.88 -6.48
N VAL A 239 62.16 -64.62 -7.33
CA VAL A 239 60.79 -64.59 -6.87
C VAL A 239 60.03 -65.81 -7.32
N THR A 240 59.35 -66.47 -6.37
CA THR A 240 58.52 -67.64 -6.69
C THR A 240 57.06 -67.36 -6.43
N PHE A 241 56.21 -68.26 -6.92
CA PHE A 241 54.79 -68.09 -6.79
C PHE A 241 54.41 -68.15 -5.30
N ASP A 242 55.01 -69.12 -4.61
CA ASP A 242 54.81 -69.24 -3.17
C ASP A 242 55.08 -67.88 -2.55
N GLU A 243 56.24 -67.30 -2.86
CA GLU A 243 56.52 -65.96 -2.35
C GLU A 243 55.29 -65.08 -2.54
N LEU A 244 54.75 -65.06 -3.75
CA LEU A 244 53.59 -64.20 -3.94
C LEU A 244 52.47 -64.68 -3.03
N THR A 245 52.02 -65.93 -3.17
CA THR A 245 50.84 -66.33 -2.42
C THR A 245 51.03 -66.10 -0.92
N ARG A 246 52.05 -66.71 -0.36
CA ARG A 246 52.38 -66.44 1.03
C ARG A 246 52.37 -64.92 1.29
N LYS A 247 52.58 -64.15 0.22
CA LYS A 247 52.59 -62.68 0.34
C LYS A 247 51.22 -61.97 0.17
N GLY A 248 50.20 -62.68 -0.31
CA GLY A 248 48.88 -62.09 -0.45
C GLY A 248 48.04 -62.76 -1.50
N VAL A 249 48.70 -63.30 -2.52
CA VAL A 249 48.01 -63.74 -3.71
C VAL A 249 47.08 -64.92 -3.48
N SER A 250 45.82 -64.81 -3.92
CA SER A 250 44.85 -65.91 -3.82
C SER A 250 43.62 -65.62 -4.65
N ASN A 251 42.81 -66.64 -4.89
CA ASN A 251 41.53 -66.43 -5.58
C ASN A 251 40.65 -65.37 -4.95
N SER A 252 40.80 -65.17 -3.64
CA SER A 252 40.00 -64.16 -3.01
C SER A 252 40.69 -62.81 -3.23
N ALA A 253 41.87 -62.81 -3.82
CA ALA A 253 42.62 -61.56 -3.99
C ALA A 253 43.80 -61.71 -4.95
N PRO A 254 43.51 -61.52 -6.25
CA PRO A 254 44.52 -61.71 -7.22
C PRO A 254 45.23 -60.38 -7.34
N PRO A 255 46.28 -60.33 -8.19
CA PRO A 255 47.15 -59.18 -8.22
C PRO A 255 46.77 -58.25 -9.37
N VAL A 256 46.93 -56.96 -9.16
CA VAL A 256 46.79 -56.03 -10.25
C VAL A 256 48.04 -55.15 -10.28
N MET A 257 48.39 -54.67 -11.47
CA MET A 257 49.42 -53.63 -11.57
C MET A 257 48.77 -52.27 -11.69
N VAL A 258 49.30 -51.32 -10.92
CA VAL A 258 48.91 -49.96 -11.06
C VAL A 258 49.45 -49.52 -12.37
N SER A 259 48.66 -49.68 -13.42
CA SER A 259 49.09 -49.47 -14.81
C SER A 259 48.92 -48.04 -15.40
N ASN A 260 48.36 -47.10 -14.63
CA ASN A 260 48.42 -45.64 -14.90
C ASN A 260 47.96 -44.73 -13.74
N VAL A 261 48.75 -43.73 -13.39
CA VAL A 261 48.30 -42.76 -12.42
C VAL A 261 48.11 -41.37 -13.05
N ALA A 262 46.94 -40.78 -12.81
CA ALA A 262 46.61 -39.43 -13.26
C ALA A 262 46.97 -38.46 -12.16
N TYR A 263 47.76 -37.44 -12.45
CA TYR A 263 48.16 -36.48 -11.42
C TYR A 263 47.54 -35.11 -11.73
N GLY A 264 47.26 -34.32 -10.70
CA GLY A 264 46.58 -33.07 -10.94
C GLY A 264 46.24 -32.33 -9.67
N ARG A 265 44.97 -31.97 -9.53
CA ARG A 265 44.53 -31.11 -8.44
C ARG A 265 43.01 -31.14 -8.30
N THR A 266 42.54 -31.07 -7.05
CA THR A 266 41.11 -31.19 -6.79
C THR A 266 40.52 -29.97 -6.08
N VAL A 267 39.34 -29.57 -6.55
CA VAL A 267 38.49 -28.66 -5.78
C VAL A 267 37.15 -29.31 -5.60
N TYR A 268 36.63 -29.15 -4.39
CA TYR A 268 35.29 -29.55 -4.00
C TYR A 268 34.47 -28.30 -3.84
N VAL A 269 33.23 -28.32 -4.31
CA VAL A 269 32.35 -27.20 -4.10
C VAL A 269 31.08 -27.64 -3.44
N LYS A 270 30.69 -26.94 -2.38
CA LYS A 270 29.42 -27.23 -1.67
C LYS A 270 28.36 -26.15 -1.93
N LEU A 271 27.25 -26.59 -2.48
CA LEU A 271 26.19 -25.66 -2.75
C LEU A 271 24.98 -26.04 -1.90
N GLU A 272 24.62 -25.18 -0.94
CA GLU A 272 23.42 -25.45 -0.11
C GLU A 272 22.48 -24.25 0.06
N THR A 273 21.18 -24.53 0.04
CA THR A 273 20.20 -23.47 0.19
C THR A 273 19.05 -23.83 1.11
N THR A 274 18.45 -22.81 1.71
CA THR A 274 17.30 -22.99 2.58
C THR A 274 16.00 -23.24 1.79
N SER A 275 15.90 -22.74 0.56
CA SER A 275 14.71 -23.00 -0.27
C SER A 275 14.45 -24.50 -0.37
N LYS A 276 13.21 -24.90 -0.65
CA LYS A 276 12.90 -26.31 -0.93
C LYS A 276 12.17 -26.47 -2.27
N SER A 277 12.39 -25.48 -3.13
CA SER A 277 11.73 -25.38 -4.43
C SER A 277 12.18 -26.45 -5.41
N LYS A 278 11.24 -27.17 -6.01
CA LYS A 278 11.63 -28.21 -6.98
C LYS A 278 12.86 -27.83 -7.83
N ASP A 279 13.12 -26.53 -7.93
CA ASP A 279 14.13 -26.05 -8.85
C ASP A 279 15.54 -25.99 -8.29
N VAL A 280 15.72 -26.19 -6.99
CA VAL A 280 17.03 -25.98 -6.37
C VAL A 280 18.05 -26.81 -7.16
N GLN A 281 17.63 -28.01 -7.57
CA GLN A 281 18.50 -28.86 -8.37
C GLN A 281 19.02 -28.09 -9.56
N ALA A 282 18.24 -28.09 -10.64
CA ALA A 282 18.64 -27.52 -11.90
C ALA A 282 19.21 -26.11 -11.73
N ALA A 283 18.76 -25.39 -10.74
CA ALA A 283 19.28 -24.06 -10.48
C ALA A 283 20.76 -24.08 -10.21
N PHE A 284 21.24 -25.20 -9.70
CA PHE A 284 22.64 -25.30 -9.28
C PHE A 284 23.42 -25.85 -10.43
N LYS A 285 23.03 -27.04 -10.87
CA LYS A 285 23.63 -27.63 -12.04
C LYS A 285 23.94 -26.50 -13.04
N ALA A 286 23.18 -25.41 -12.93
CA ALA A 286 23.25 -24.31 -13.89
C ALA A 286 24.15 -23.21 -13.40
N LEU A 287 24.05 -22.88 -12.12
CA LEU A 287 24.98 -21.93 -11.55
C LEU A 287 26.39 -22.47 -11.80
N LEU A 288 26.57 -23.80 -11.77
CA LEU A 288 27.92 -24.43 -11.87
C LEU A 288 28.53 -24.25 -13.25
N LYS A 289 27.84 -24.79 -14.24
CA LYS A 289 28.27 -24.65 -15.64
C LYS A 289 28.88 -23.31 -15.99
N ASN A 290 28.10 -22.23 -15.88
CA ASN A 290 28.55 -20.88 -16.28
C ASN A 290 27.94 -19.72 -15.43
N ASN A 291 27.99 -18.49 -15.94
CA ASN A 291 27.42 -17.36 -15.19
C ASN A 291 26.36 -16.66 -15.98
N SER A 292 25.78 -17.38 -16.94
CA SER A 292 24.72 -16.84 -17.76
C SER A 292 23.43 -16.85 -16.97
N VAL A 293 23.32 -17.76 -16.02
CA VAL A 293 22.13 -17.79 -15.18
C VAL A 293 22.31 -16.81 -14.02
N GLU A 294 23.56 -16.55 -13.66
CA GLU A 294 23.96 -15.69 -12.51
C GLU A 294 23.28 -14.31 -12.54
N THR A 295 23.65 -13.51 -13.53
CA THR A 295 22.88 -12.33 -13.85
C THR A 295 22.06 -12.68 -15.08
N SER A 296 20.76 -12.79 -14.85
CA SER A 296 19.80 -13.33 -15.79
C SER A 296 18.53 -13.29 -14.97
N GLY A 297 18.72 -13.44 -13.65
CA GLY A 297 17.66 -13.25 -12.67
C GLY A 297 16.78 -14.47 -12.47
N GLN A 298 17.00 -15.51 -13.27
CA GLN A 298 16.21 -16.73 -13.07
C GLN A 298 16.60 -17.32 -11.73
N TYR A 299 15.65 -17.94 -11.01
CA TYR A 299 15.96 -18.55 -9.72
C TYR A 299 16.59 -17.55 -8.71
N LYS A 300 16.03 -16.34 -8.54
CA LYS A 300 16.74 -15.32 -7.73
C LYS A 300 16.55 -15.55 -6.24
N ASP A 301 15.37 -16.02 -5.84
CA ASP A 301 15.08 -16.23 -4.42
C ASP A 301 15.96 -17.36 -3.85
N ILE A 302 16.34 -18.30 -4.72
CA ILE A 302 17.22 -19.41 -4.34
C ILE A 302 18.66 -19.01 -4.04
N PHE A 303 19.39 -18.46 -4.99
CA PHE A 303 20.78 -18.07 -4.71
C PHE A 303 20.88 -17.02 -3.62
N GLU A 304 19.73 -16.66 -3.06
CA GLU A 304 19.71 -15.83 -1.87
C GLU A 304 19.92 -16.70 -0.65
N GLU A 305 19.10 -17.73 -0.59
CA GLU A 305 19.10 -18.68 0.49
C GLU A 305 20.15 -19.73 0.22
N SER A 306 21.05 -19.41 -0.69
CA SER A 306 22.13 -20.31 -1.03
C SER A 306 23.42 -19.73 -0.49
N THR A 307 24.24 -20.61 0.07
CA THR A 307 25.59 -20.25 0.44
C THR A 307 26.54 -21.32 -0.13
N PHE A 308 27.76 -20.94 -0.46
CA PHE A 308 28.65 -21.86 -1.16
C PHE A 308 29.99 -22.05 -0.51
N THR A 309 30.55 -23.23 -0.68
CA THR A 309 31.83 -23.56 -0.08
C THR A 309 32.74 -24.31 -1.04
N ALA A 310 34.03 -23.97 -0.99
CA ALA A 310 35.00 -24.60 -1.88
C ALA A 310 36.26 -24.89 -1.12
N VAL A 311 36.73 -26.14 -1.19
CA VAL A 311 37.98 -26.51 -0.54
C VAL A 311 38.94 -26.99 -1.60
N VAL A 312 40.24 -26.77 -1.38
CA VAL A 312 41.20 -27.30 -2.33
C VAL A 312 42.09 -28.40 -1.79
N LEU A 313 41.67 -29.66 -1.86
CA LEU A 313 42.53 -30.75 -1.44
C LEU A 313 44.04 -30.48 -1.63
N GLY A 314 44.82 -30.75 -0.58
CA GLY A 314 46.30 -30.84 -0.65
C GLY A 314 46.80 -32.30 -0.69
N GLY A 315 47.69 -32.65 0.24
CA GLY A 315 48.28 -34.02 0.27
C GLY A 315 49.26 -34.34 1.40
N ASP A 316 49.41 -33.39 2.34
CA ASP A 316 50.21 -33.52 3.57
C ASP A 316 49.76 -32.47 4.60
N LYS A 322 40.51 -23.63 2.48
CA LYS A 322 39.07 -23.67 2.21
C LYS A 322 38.32 -22.36 2.46
N VAL A 323 37.45 -21.99 1.52
CA VAL A 323 36.72 -20.73 1.61
C VAL A 323 35.21 -20.93 1.59
N VAL A 324 34.48 -20.03 2.24
CA VAL A 324 33.04 -20.10 2.25
C VAL A 324 32.48 -18.71 2.06
N THR A 325 31.74 -18.51 0.96
CA THR A 325 31.17 -17.19 0.68
C THR A 325 29.87 -17.26 -0.11
N LYS A 326 29.16 -16.12 -0.14
CA LYS A 326 27.84 -16.05 -0.74
C LYS A 326 27.86 -15.44 -2.15
N ASP A 327 29.05 -15.03 -2.56
CA ASP A 327 29.29 -14.54 -3.91
C ASP A 327 29.96 -15.65 -4.72
N PHE A 328 29.15 -16.39 -5.48
CA PHE A 328 29.64 -17.62 -6.12
C PHE A 328 30.79 -17.34 -7.04
N ASN A 329 30.91 -16.09 -7.46
CA ASN A 329 32.00 -15.73 -8.33
C ASN A 329 33.39 -15.90 -7.69
N GLU A 330 33.44 -15.95 -6.35
CA GLU A 330 34.69 -16.31 -5.67
C GLU A 330 34.94 -17.80 -5.82
N ILE A 331 33.87 -18.60 -5.78
CA ILE A 331 34.01 -20.02 -6.01
C ILE A 331 34.58 -20.28 -7.41
N ARG A 332 34.10 -19.56 -8.44
CA ARG A 332 34.58 -19.85 -9.81
C ARG A 332 36.04 -19.56 -9.83
N ASN A 333 36.41 -18.46 -9.19
CA ASN A 333 37.79 -18.06 -9.16
C ASN A 333 38.72 -19.10 -8.61
N ILE A 334 38.31 -19.72 -7.51
CA ILE A 334 39.08 -20.81 -6.96
C ILE A 334 39.13 -21.99 -7.91
N ILE A 335 38.01 -22.35 -8.55
CA ILE A 335 38.03 -23.46 -9.49
C ILE A 335 39.01 -23.18 -10.62
N LYS A 336 39.09 -21.93 -11.03
CA LYS A 336 39.90 -21.58 -12.18
C LYS A 336 41.35 -21.67 -11.80
N ASP A 337 41.74 -20.98 -10.73
CA ASP A 337 43.14 -20.95 -10.32
C ASP A 337 43.69 -22.36 -10.27
N ASN A 338 42.81 -23.34 -10.36
CA ASN A 338 43.23 -24.70 -10.12
C ASN A 338 43.15 -25.63 -11.30
N ALA A 339 42.92 -25.10 -12.50
CA ALA A 339 43.09 -25.89 -13.72
C ALA A 339 44.47 -25.57 -14.26
N GLU A 340 45.36 -25.17 -13.38
CA GLU A 340 46.68 -24.76 -13.81
C GLU A 340 47.82 -25.43 -13.06
N LEU A 341 48.67 -26.13 -13.80
CA LEU A 341 49.93 -26.58 -13.24
C LEU A 341 50.66 -25.33 -12.69
N SER A 342 51.43 -25.47 -11.61
CA SER A 342 52.32 -24.36 -11.20
C SER A 342 53.30 -24.78 -10.08
N PHE A 343 54.41 -24.05 -9.92
CA PHE A 343 55.33 -24.37 -8.83
C PHE A 343 54.66 -24.08 -7.48
N LYS A 344 53.80 -23.05 -7.44
CA LYS A 344 52.99 -22.74 -6.25
C LYS A 344 51.88 -23.77 -5.96
N ASN A 345 51.34 -24.39 -7.02
CA ASN A 345 50.23 -25.34 -6.89
C ASN A 345 50.52 -26.73 -7.50
N PRO A 346 51.36 -27.51 -6.83
CA PRO A 346 51.91 -28.74 -7.42
C PRO A 346 50.84 -29.81 -7.62
N ALA A 347 50.95 -30.58 -8.71
CA ALA A 347 50.03 -31.69 -8.97
C ALA A 347 50.07 -32.69 -7.82
N TYR A 348 49.36 -33.81 -8.01
CA TYR A 348 49.44 -34.95 -7.09
C TYR A 348 48.56 -36.08 -7.55
N PRO A 349 48.92 -37.32 -7.19
CA PRO A 349 48.14 -38.40 -7.78
C PRO A 349 46.67 -38.16 -7.43
N ILE A 350 45.76 -38.67 -8.26
CA ILE A 350 44.37 -38.33 -8.08
C ILE A 350 43.52 -39.51 -8.37
N SER A 351 43.75 -40.17 -9.47
CA SER A 351 43.00 -41.37 -9.74
C SER A 351 43.99 -42.29 -10.39
N TYR A 352 43.64 -43.56 -10.53
CA TYR A 352 44.54 -44.51 -11.15
C TYR A 352 43.83 -45.63 -11.85
N THR A 353 44.60 -46.52 -12.47
CA THR A 353 44.02 -47.55 -13.34
C THR A 353 44.65 -48.92 -13.13
N SER A 354 43.86 -49.95 -12.86
CA SER A 354 44.49 -51.20 -12.45
C SER A 354 44.25 -52.34 -13.39
N THR A 355 45.31 -53.05 -13.72
CA THR A 355 45.17 -54.20 -14.60
C THR A 355 45.51 -55.50 -13.86
N PHE A 356 44.54 -56.42 -13.82
CA PHE A 356 44.78 -57.76 -13.31
C PHE A 356 45.94 -58.31 -14.10
N LEU A 357 46.89 -58.96 -13.44
CA LEU A 357 48.05 -59.48 -14.15
C LEU A 357 47.64 -60.69 -14.96
N LYS A 358 46.58 -61.36 -14.53
CA LYS A 358 46.20 -62.58 -15.23
C LYS A 358 46.06 -62.43 -16.75
N ASP A 359 45.20 -61.53 -17.20
CA ASP A 359 44.83 -61.41 -18.63
C ASP A 359 44.87 -59.94 -19.07
N ASN A 360 45.37 -59.11 -18.17
CA ASN A 360 45.45 -57.68 -18.40
C ASN A 360 44.12 -56.96 -18.55
N ALA A 361 43.04 -57.53 -18.02
CA ALA A 361 41.75 -56.84 -17.93
C ALA A 361 41.86 -55.60 -17.03
N THR A 362 41.01 -54.59 -17.24
CA THR A 362 41.04 -53.40 -16.36
C THR A 362 40.23 -53.67 -15.14
N ALA A 363 40.73 -53.25 -13.97
CA ALA A 363 40.00 -53.50 -12.73
C ALA A 363 38.90 -52.47 -12.54
N ALA A 364 37.68 -52.95 -12.36
CA ALA A 364 36.54 -52.10 -12.09
C ALA A 364 35.97 -52.35 -10.68
N VAL A 365 35.90 -51.33 -9.84
CA VAL A 365 35.35 -51.50 -8.49
C VAL A 365 33.82 -51.34 -8.31
N HIS A 366 33.01 -52.37 -8.65
CA HIS A 366 31.52 -52.33 -8.52
C HIS A 366 30.93 -51.90 -7.18
N ASN A 367 30.17 -50.82 -7.23
CA ASN A 367 29.67 -50.15 -6.05
C ASN A 367 28.17 -50.31 -6.01
N ASN A 368 27.53 -49.94 -4.91
CA ASN A 368 26.10 -50.21 -4.74
C ASN A 368 25.39 -49.59 -3.58
N THR A 369 25.47 -48.27 -3.42
CA THR A 369 24.89 -47.61 -2.26
C THR A 369 23.37 -47.63 -2.34
N ASP A 370 22.70 -47.71 -1.18
CA ASP A 370 21.26 -47.47 -1.08
C ASP A 370 21.00 -46.25 -0.20
N TYR A 371 19.90 -45.57 -0.49
CA TYR A 371 19.62 -44.36 0.26
C TYR A 371 18.21 -43.80 0.04
N ILE A 372 17.90 -42.82 0.89
CA ILE A 372 16.60 -42.20 1.05
C ILE A 372 16.60 -40.85 0.36
N GLU A 373 16.06 -40.81 -0.84
CA GLU A 373 16.00 -39.53 -1.54
C GLU A 373 14.82 -38.72 -1.05
N THR A 374 15.11 -37.69 -0.30
CA THR A 374 14.04 -36.80 0.03
C THR A 374 13.97 -35.69 -1.01
N THR A 375 12.87 -35.66 -1.77
CA THR A 375 12.57 -34.57 -2.68
C THR A 375 11.72 -33.44 -2.02
N THR A 376 11.40 -32.39 -2.76
CA THR A 376 10.68 -31.26 -2.17
C THR A 376 9.74 -30.61 -3.18
N THR A 377 8.70 -29.92 -2.70
CA THR A 377 7.93 -28.99 -3.56
C THR A 377 7.40 -27.84 -2.74
N GLU A 378 7.79 -26.60 -3.05
CA GLU A 378 7.25 -25.50 -2.27
C GLU A 378 5.80 -25.13 -2.66
N TYR A 379 5.15 -24.30 -1.83
CA TYR A 379 3.80 -23.81 -2.08
C TYR A 379 3.65 -22.59 -1.22
N SER A 380 3.17 -21.50 -1.79
CA SER A 380 2.99 -20.28 -0.99
C SER A 380 1.60 -19.66 -1.07
N SER A 381 1.31 -18.84 -0.06
CA SER A 381 0.02 -18.20 0.16
C SER A 381 -0.38 -17.35 -1.03
N ALA A 382 -1.69 -17.28 -1.29
CA ALA A 382 -2.26 -16.54 -2.42
C ALA A 382 -3.30 -15.46 -2.04
N LYS A 383 -3.31 -14.38 -2.82
CA LYS A 383 -4.19 -13.22 -2.61
C LYS A 383 -5.22 -13.10 -3.73
N MET A 384 -6.41 -13.70 -3.54
CA MET A 384 -7.47 -13.56 -4.53
C MET A 384 -8.13 -12.19 -4.36
N THR A 385 -8.77 -11.73 -5.42
CA THR A 385 -9.26 -10.38 -5.54
C THR A 385 -10.42 -10.32 -6.52
N LEU A 386 -11.63 -10.18 -5.97
CA LEU A 386 -12.81 -9.86 -6.76
C LEU A 386 -12.91 -8.35 -6.93
N ASP A 387 -13.28 -7.92 -8.13
CA ASP A 387 -13.56 -6.52 -8.36
C ASP A 387 -14.71 -6.49 -9.31
N HIS A 388 -15.74 -5.70 -9.00
CA HIS A 388 -16.88 -5.65 -9.87
C HIS A 388 -17.22 -4.25 -10.32
N TYR A 389 -17.21 -3.99 -11.61
CA TYR A 389 -17.48 -2.65 -12.10
C TYR A 389 -18.71 -2.70 -13.00
N GLY A 390 -19.35 -3.87 -13.03
CA GLY A 390 -20.35 -4.12 -14.06
C GLY A 390 -21.63 -3.34 -13.85
N ALA A 391 -22.11 -2.72 -14.92
CA ALA A 391 -23.43 -2.09 -14.89
C ALA A 391 -24.56 -3.11 -14.69
N TYR A 392 -24.50 -4.00 -13.70
CA TYR A 392 -25.50 -5.08 -13.59
C TYR A 392 -25.27 -5.83 -12.33
N VAL A 393 -26.29 -6.39 -11.71
CA VAL A 393 -26.03 -7.09 -10.46
C VAL A 393 -25.28 -8.36 -10.80
N ALA A 394 -24.46 -8.86 -9.91
CA ALA A 394 -23.70 -10.04 -10.29
C ALA A 394 -23.35 -10.88 -9.10
N GLN A 395 -22.71 -12.00 -9.36
CA GLN A 395 -22.56 -13.01 -8.33
C GLN A 395 -21.25 -13.81 -8.46
N PHE A 396 -20.53 -13.97 -7.35
CA PHE A 396 -19.28 -14.75 -7.39
C PHE A 396 -19.42 -16.05 -6.57
N ASP A 397 -19.19 -17.18 -7.22
CA ASP A 397 -18.97 -18.40 -6.46
C ASP A 397 -17.46 -18.63 -6.47
N VAL A 398 -16.87 -18.78 -5.29
CA VAL A 398 -15.46 -19.06 -5.17
C VAL A 398 -15.21 -20.10 -4.08
N SER A 399 -14.46 -21.14 -4.43
CA SER A 399 -14.20 -22.28 -3.54
C SER A 399 -12.87 -22.97 -3.84
N TRP A 400 -12.25 -23.50 -2.79
CA TRP A 400 -11.00 -24.21 -2.94
C TRP A 400 -10.88 -25.37 -1.99
N ASP A 401 -9.81 -26.14 -2.16
CA ASP A 401 -9.51 -27.29 -1.31
C ASP A 401 -8.19 -27.09 -0.61
N GLU A 402 -8.18 -27.30 0.69
CA GLU A 402 -6.93 -27.28 1.43
C GLU A 402 -6.48 -28.73 1.56
N PHE A 403 -5.21 -28.99 1.22
CA PHE A 403 -4.77 -30.39 1.18
C PHE A 403 -3.76 -30.75 2.25
N THR A 404 -3.92 -31.99 2.73
CA THR A 404 -3.00 -32.58 3.69
C THR A 404 -2.90 -34.08 3.42
N PHE A 405 -1.93 -34.70 4.10
CA PHE A 405 -1.64 -36.13 3.93
C PHE A 405 -1.62 -36.78 5.30
N ASP A 406 -2.23 -37.96 5.40
CA ASP A 406 -2.47 -38.57 6.69
C ASP A 406 -1.20 -39.24 7.23
N GLN A 407 -1.38 -39.94 8.35
CA GLN A 407 -0.36 -40.84 8.88
C GLN A 407 0.01 -41.89 7.81
N ASN A 408 -0.76 -41.93 6.71
CA ASN A 408 -0.42 -42.81 5.58
C ASN A 408 0.05 -42.07 4.34
N GLY A 409 0.20 -40.75 4.45
CA GLY A 409 0.56 -39.92 3.28
C GLY A 409 -0.47 -39.98 2.16
N LYS A 410 -1.73 -40.17 2.56
CA LYS A 410 -2.85 -40.01 1.65
C LYS A 410 -3.24 -38.52 1.64
N GLU A 411 -3.65 -38.03 0.47
CA GLU A 411 -4.08 -36.66 0.34
C GLU A 411 -5.45 -36.52 1.01
N VAL A 412 -5.51 -35.73 2.09
CA VAL A 412 -6.77 -35.43 2.77
C VAL A 412 -7.30 -34.05 2.31
N LEU A 413 -8.43 -34.07 1.61
CA LEU A 413 -9.02 -32.84 1.06
C LEU A 413 -10.09 -32.17 1.95
N THR A 414 -9.74 -31.02 2.55
CA THR A 414 -10.66 -30.26 3.37
C THR A 414 -11.32 -29.14 2.58
N HIS A 415 -12.50 -29.38 2.02
CA HIS A 415 -13.18 -28.37 1.20
C HIS A 415 -13.47 -27.04 1.95
N LYS A 416 -13.12 -25.91 1.32
CA LYS A 416 -13.41 -24.58 1.87
C LYS A 416 -14.22 -23.77 0.88
N THR A 417 -14.97 -22.80 1.39
CA THR A 417 -15.91 -22.09 0.53
C THR A 417 -16.07 -20.61 0.90
N TRP A 418 -16.02 -19.74 -0.10
CA TRP A 418 -16.03 -18.29 0.15
C TRP A 418 -17.33 -17.82 0.73
N GLU A 419 -17.23 -17.13 1.87
CA GLU A 419 -18.39 -16.60 2.61
C GLU A 419 -19.46 -16.00 1.73
N GLY A 420 -19.10 -14.95 1.00
CA GLY A 420 -20.05 -14.26 0.15
C GLY A 420 -20.39 -15.02 -1.11
N SER A 421 -20.13 -16.31 -1.11
CA SER A 421 -20.34 -17.03 -2.34
C SER A 421 -21.85 -17.14 -2.63
N GLY A 422 -22.29 -16.63 -3.78
CA GLY A 422 -23.73 -16.67 -4.10
C GLY A 422 -24.51 -15.37 -3.83
N LYS A 423 -23.96 -14.50 -2.99
CA LYS A 423 -24.56 -13.21 -2.73
C LYS A 423 -24.51 -12.22 -3.91
N ASP A 424 -25.59 -11.42 -4.05
CA ASP A 424 -25.72 -10.37 -5.06
C ASP A 424 -24.72 -9.27 -4.74
N LYS A 425 -24.06 -8.71 -5.76
CA LYS A 425 -23.11 -7.63 -5.51
C LYS A 425 -23.25 -6.53 -6.53
N THR A 426 -23.19 -5.30 -6.06
CA THR A 426 -23.34 -4.13 -6.97
C THR A 426 -22.08 -3.30 -7.10
N ALA A 427 -21.82 -2.83 -8.32
CA ALA A 427 -20.64 -2.02 -8.62
C ALA A 427 -20.68 -0.81 -7.71
N HIS A 428 -19.50 -0.37 -7.22
CA HIS A 428 -18.25 -1.09 -7.38
C HIS A 428 -18.07 -1.95 -6.18
N TYR A 429 -17.66 -3.20 -6.34
CA TYR A 429 -17.42 -4.04 -5.17
C TYR A 429 -16.03 -4.67 -5.24
N SER A 430 -15.48 -5.03 -4.09
CA SER A 430 -14.21 -5.72 -4.08
C SER A 430 -13.96 -6.25 -2.71
N THR A 431 -13.10 -7.25 -2.65
CA THR A 431 -12.84 -7.97 -1.43
C THR A 431 -11.51 -8.66 -1.65
N VAL A 432 -11.01 -9.31 -0.60
CA VAL A 432 -9.73 -9.94 -0.67
C VAL A 432 -9.91 -11.29 -0.03
N ILE A 433 -9.76 -12.33 -0.84
CA ILE A 433 -9.87 -13.67 -0.30
C ILE A 433 -8.47 -14.25 -0.12
N PRO A 434 -8.04 -14.44 1.15
CA PRO A 434 -6.77 -15.08 1.46
C PRO A 434 -6.89 -16.54 1.13
N LEU A 435 -5.84 -17.12 0.55
CA LEU A 435 -5.77 -18.57 0.32
C LEU A 435 -4.48 -19.08 0.99
N PRO A 436 -4.60 -20.08 1.88
CA PRO A 436 -3.37 -20.53 2.54
C PRO A 436 -2.52 -21.32 1.52
N PRO A 437 -1.20 -21.45 1.77
CA PRO A 437 -0.33 -21.93 0.72
C PRO A 437 -0.73 -23.31 0.27
N ASN A 438 -1.39 -24.08 1.11
CA ASN A 438 -1.71 -25.44 0.70
C ASN A 438 -3.09 -25.63 0.06
N SER A 439 -3.37 -24.80 -0.95
CA SER A 439 -4.67 -24.72 -1.59
C SER A 439 -4.74 -25.40 -2.96
N LYS A 440 -5.91 -25.81 -3.40
CA LYS A 440 -5.95 -26.62 -4.58
C LYS A 440 -7.36 -26.79 -5.16
N ASN A 441 -7.43 -26.95 -6.48
CA ASN A 441 -8.72 -27.03 -7.19
C ASN A 441 -9.43 -25.68 -7.33
N ILE A 442 -8.95 -24.72 -6.56
CA ILE A 442 -9.52 -23.37 -6.53
C ILE A 442 -11.01 -23.20 -6.93
N LYS A 443 -11.27 -23.00 -8.24
CA LYS A 443 -12.66 -22.75 -8.79
C LYS A 443 -13.30 -21.35 -8.54
N ILE A 444 -13.72 -20.72 -9.64
CA ILE A 444 -14.25 -19.37 -9.59
C ILE A 444 -15.38 -19.17 -10.61
N VAL A 445 -16.59 -18.91 -10.12
CA VAL A 445 -17.66 -18.48 -11.05
C VAL A 445 -18.02 -17.03 -10.85
N ALA A 446 -18.34 -16.39 -11.98
CA ALA A 446 -19.04 -15.14 -11.95
C ALA A 446 -20.29 -15.21 -12.79
N ARG A 447 -21.44 -15.01 -12.15
CA ARG A 447 -22.70 -14.82 -12.88
C ARG A 447 -23.14 -13.36 -12.95
N GLU A 448 -23.57 -12.95 -14.13
CA GLU A 448 -24.13 -11.63 -14.26
C GLU A 448 -25.63 -11.68 -14.41
N CYS A 449 -26.39 -11.15 -13.45
CA CYS A 449 -27.83 -11.02 -13.68
C CYS A 449 -28.14 -10.12 -14.89
N THR A 450 -29.21 -10.43 -15.61
CA THR A 450 -29.34 -9.96 -16.98
C THR A 450 -30.77 -9.46 -17.30
N GLY A 451 -31.48 -9.14 -16.23
CA GLY A 451 -32.83 -8.60 -16.29
C GLY A 451 -33.15 -8.09 -14.88
N LEU A 452 -34.39 -8.30 -14.44
CA LEU A 452 -34.83 -7.90 -13.08
C LEU A 452 -34.93 -9.09 -12.15
N ALA A 453 -34.83 -8.84 -10.85
CA ALA A 453 -34.66 -9.92 -9.90
C ALA A 453 -33.57 -10.78 -10.49
N TRP A 454 -33.81 -12.09 -10.58
CA TRP A 454 -32.89 -12.91 -11.36
C TRP A 454 -33.58 -13.59 -12.53
N GLU A 455 -34.49 -12.83 -13.13
CA GLU A 455 -35.19 -13.25 -14.31
C GLU A 455 -34.32 -14.19 -15.13
N TRP A 456 -33.16 -13.68 -15.53
CA TRP A 456 -32.27 -14.37 -16.46
C TRP A 456 -30.89 -13.92 -16.06
N TRP A 457 -29.89 -14.72 -16.40
CA TRP A 457 -28.51 -14.32 -16.13
C TRP A 457 -27.57 -15.06 -17.04
N ARG A 458 -26.36 -14.53 -17.16
CA ARG A 458 -25.35 -15.07 -18.04
C ARG A 458 -24.17 -15.41 -17.20
N THR A 459 -23.45 -16.47 -17.58
CA THR A 459 -22.20 -16.77 -16.90
C THR A 459 -21.08 -16.05 -17.65
N ILE A 460 -20.23 -15.37 -16.89
CA ILE A 460 -19.15 -14.59 -17.48
C ILE A 460 -17.75 -15.05 -17.05
N ILE A 461 -17.63 -15.72 -15.90
CA ILE A 461 -16.36 -16.26 -15.43
C ILE A 461 -16.71 -17.64 -14.88
N ASN A 462 -16.08 -18.68 -15.43
CA ASN A 462 -16.37 -20.06 -15.00
C ASN A 462 -15.16 -20.99 -15.12
N GLU A 463 -14.48 -21.24 -14.00
CA GLU A 463 -13.19 -21.94 -13.99
C GLU A 463 -12.96 -22.80 -12.76
N GLN A 464 -12.56 -24.04 -12.94
CA GLN A 464 -11.93 -24.73 -11.80
C GLN A 464 -10.45 -24.92 -12.12
N ASN A 465 -9.71 -25.40 -11.13
CA ASN A 465 -8.26 -25.57 -11.30
C ASN A 465 -7.71 -24.26 -11.81
N VAL A 466 -7.85 -23.23 -10.98
CA VAL A 466 -7.22 -21.98 -11.25
C VAL A 466 -5.89 -22.10 -10.55
N PRO A 467 -4.82 -21.89 -11.32
CA PRO A 467 -3.44 -21.83 -10.92
C PRO A 467 -3.29 -21.18 -9.57
N LEU A 468 -2.71 -21.89 -8.61
CA LEU A 468 -2.38 -21.28 -7.35
C LEU A 468 -1.23 -20.28 -7.58
N THR A 469 -1.42 -19.02 -7.25
CA THR A 469 -0.39 -18.04 -7.59
C THR A 469 -0.50 -16.80 -6.71
N ASN A 470 0.62 -16.17 -6.38
CA ASN A 470 0.63 -15.14 -5.35
C ASN A 470 -0.53 -14.14 -5.37
N GLU A 471 -0.89 -13.73 -6.58
CA GLU A 471 -2.07 -12.94 -6.76
C GLU A 471 -2.98 -13.60 -7.77
N ILE A 472 -4.24 -13.81 -7.39
CA ILE A 472 -5.29 -14.12 -8.35
C ILE A 472 -6.25 -12.95 -8.38
N LYS A 473 -6.35 -12.29 -9.54
CA LYS A 473 -7.19 -11.09 -9.72
C LYS A 473 -8.38 -11.25 -10.68
N VAL A 474 -9.56 -11.49 -10.11
CA VAL A 474 -10.81 -11.52 -10.87
C VAL A 474 -11.32 -10.10 -10.98
N SER A 475 -11.89 -9.78 -12.12
CA SER A 475 -12.43 -8.47 -12.36
C SER A 475 -13.46 -8.51 -13.49
N ILE A 476 -14.74 -8.36 -13.12
CA ILE A 476 -15.85 -8.31 -14.05
C ILE A 476 -16.22 -6.84 -14.21
N GLY A 477 -16.74 -6.46 -15.38
CA GLY A 477 -16.93 -5.05 -15.70
C GLY A 477 -17.92 -4.77 -16.83
N GLY A 478 -17.74 -3.63 -17.50
CA GLY A 478 -18.57 -3.24 -18.64
C GLY A 478 -20.09 -3.17 -18.48
N THR A 479 -20.74 -3.31 -19.63
CA THR A 479 -22.19 -3.33 -19.81
C THR A 479 -22.79 -4.67 -19.42
N THR A 480 -24.07 -4.61 -19.04
CA THR A 480 -25.03 -5.75 -19.06
C THR A 480 -25.00 -6.61 -20.33
N LEU A 481 -25.23 -5.95 -21.46
CA LEU A 481 -25.20 -6.61 -22.77
C LEU A 481 -23.81 -7.10 -23.16
N TYR A 482 -22.77 -6.36 -22.77
CA TYR A 482 -21.36 -6.64 -23.16
C TYR A 482 -20.38 -6.60 -21.98
N PRO A 483 -20.37 -7.64 -21.13
CA PRO A 483 -19.59 -7.61 -19.91
C PRO A 483 -18.09 -7.71 -20.20
N THR A 484 -17.27 -7.55 -19.17
CA THR A 484 -15.85 -7.73 -19.30
C THR A 484 -15.46 -8.64 -18.15
N ALA A 485 -14.73 -9.70 -18.41
CA ALA A 485 -14.44 -10.60 -17.30
C ALA A 485 -13.10 -11.26 -17.52
N THR A 486 -12.25 -11.28 -16.51
CA THR A 486 -10.90 -11.78 -16.67
C THR A 486 -10.27 -12.17 -15.35
N ILE A 487 -9.67 -13.34 -15.28
CA ILE A 487 -8.78 -13.61 -14.18
C ILE A 487 -7.36 -13.24 -14.57
N SER A 488 -6.69 -12.47 -13.72
CA SER A 488 -5.30 -12.10 -13.93
C SER A 488 -4.40 -12.62 -12.84
N HIS A 489 -3.44 -13.42 -13.26
CA HIS A 489 -2.48 -14.05 -12.34
C HIS A 489 -1.27 -13.16 -12.09
N LYS B 23 -7.79 2.95 -29.54
CA LYS B 23 -8.73 1.88 -30.02
C LYS B 23 -10.18 2.38 -30.07
N ASN B 24 -10.81 2.35 -28.90
CA ASN B 24 -12.12 2.94 -28.68
C ASN B 24 -12.01 4.01 -27.59
N ALA B 25 -10.82 4.14 -27.01
CA ALA B 25 -10.50 5.30 -26.19
C ALA B 25 -10.76 6.49 -27.10
N SER B 26 -10.69 6.25 -28.40
CA SER B 26 -11.03 7.28 -29.35
C SER B 26 -12.52 7.62 -29.28
N ASP B 27 -13.36 6.64 -29.03
CA ASP B 27 -14.79 6.91 -29.07
C ASP B 27 -15.22 7.51 -27.75
N ILE B 28 -14.38 7.38 -26.72
CA ILE B 28 -14.69 8.07 -25.49
C ILE B 28 -14.50 9.56 -25.74
N ASN B 29 -13.36 9.93 -26.33
CA ASN B 29 -13.09 11.33 -26.61
C ASN B 29 -14.11 11.91 -27.59
N THR B 30 -14.34 11.19 -28.68
CA THR B 30 -15.23 11.69 -29.71
C THR B 30 -16.61 11.83 -29.12
N GLY B 31 -17.04 10.79 -28.44
CA GLY B 31 -18.37 10.78 -27.86
C GLY B 31 -18.47 11.95 -26.89
N ILE B 32 -17.52 12.01 -25.97
CA ILE B 32 -17.51 13.01 -24.91
C ILE B 32 -17.45 14.38 -25.52
N ALA B 33 -16.54 14.52 -26.46
CA ALA B 33 -16.36 15.77 -27.15
C ALA B 33 -17.70 16.25 -27.70
N ASN B 34 -18.61 15.31 -27.91
CA ASN B 34 -19.83 15.62 -28.66
C ASN B 34 -20.99 16.16 -27.85
N LEU B 35 -20.91 16.05 -26.54
CA LEU B 35 -22.02 16.46 -25.71
C LEU B 35 -22.27 17.97 -25.83
N LYS B 36 -23.54 18.38 -25.83
CA LYS B 36 -23.85 19.80 -25.70
C LYS B 36 -24.57 20.03 -24.36
N TYR B 37 -24.24 21.11 -23.68
CA TYR B 37 -24.99 21.51 -22.51
C TYR B 37 -24.42 22.82 -21.99
N ASP B 38 -25.22 23.58 -21.25
CA ASP B 38 -24.61 24.64 -20.45
C ASP B 38 -24.89 24.37 -18.97
N SER B 39 -23.99 24.85 -18.12
CA SER B 39 -23.97 24.46 -16.73
C SER B 39 -25.20 24.97 -16.02
N ARG B 40 -25.60 26.19 -16.38
CA ARG B 40 -26.72 26.86 -15.73
C ARG B 40 -27.95 25.97 -15.83
N ASP B 41 -28.02 25.20 -16.91
CA ASP B 41 -29.13 24.30 -17.15
C ASP B 41 -29.10 23.05 -16.32
N ILE B 42 -28.10 22.20 -16.56
CA ILE B 42 -28.06 20.89 -15.94
C ILE B 42 -27.82 20.95 -14.45
N LEU B 43 -27.22 22.05 -13.99
CA LEU B 43 -26.76 22.15 -12.62
C LEU B 43 -27.43 23.26 -11.83
N ALA B 44 -28.75 23.25 -11.74
CA ALA B 44 -29.45 24.36 -11.12
C ALA B 44 -30.23 23.91 -9.92
N VAL B 45 -30.42 24.80 -8.96
CA VAL B 45 -31.37 24.56 -7.89
C VAL B 45 -32.22 25.81 -7.85
N ASN B 46 -33.44 25.66 -7.34
CA ASN B 46 -34.44 26.75 -7.28
C ASN B 46 -35.40 26.55 -6.13
N GLY B 47 -35.59 27.62 -5.34
CA GLY B 47 -36.61 27.63 -4.28
C GLY B 47 -37.98 27.83 -4.91
N ASP B 48 -39.04 27.58 -4.13
CA ASP B 48 -40.39 27.55 -4.69
C ASP B 48 -41.11 28.92 -4.60
N LYS B 49 -41.24 29.62 -5.73
CA LYS B 49 -42.02 30.85 -5.78
C LYS B 49 -42.41 31.30 -4.34
N VAL B 50 -42.18 32.57 -4.02
CA VAL B 50 -42.28 33.03 -2.63
C VAL B 50 -43.60 32.77 -1.94
N GLU B 51 -44.49 33.74 -2.06
CA GLU B 51 -45.85 33.61 -1.55
C GLU B 51 -46.37 34.89 -0.83
N SER B 52 -47.14 34.75 0.25
CA SER B 52 -47.79 35.93 0.84
C SER B 52 -47.53 36.20 2.32
N PHE B 53 -47.41 37.50 2.61
CA PHE B 53 -46.89 38.03 3.87
C PHE B 53 -47.52 39.40 4.09
N ILE B 54 -47.43 39.93 5.28
CA ILE B 54 -47.89 41.29 5.50
C ILE B 54 -46.74 42.29 5.38
N PRO B 55 -46.71 43.08 4.28
CA PRO B 55 -45.55 43.92 3.89
C PRO B 55 -45.09 45.02 4.86
N LYS B 56 -45.99 45.48 5.72
CA LYS B 56 -45.73 46.57 6.68
C LYS B 56 -46.77 46.43 7.78
N GLU B 57 -46.33 46.19 8.99
CA GLU B 57 -47.28 45.84 10.05
C GLU B 57 -46.59 45.91 11.41
N SER B 58 -47.30 46.33 12.45
CA SER B 58 -46.66 46.55 13.74
C SER B 58 -46.95 45.39 14.65
N ILE B 59 -46.59 45.51 15.94
CA ILE B 59 -46.84 44.43 16.90
C ILE B 59 -46.21 44.78 18.23
N ASN B 60 -46.73 44.28 19.33
CA ASN B 60 -46.18 44.66 20.63
C ASN B 60 -45.51 43.53 21.39
N SER B 61 -44.19 43.62 21.57
CA SER B 61 -43.44 42.61 22.33
C SER B 61 -42.36 43.20 23.24
N ASN B 62 -42.08 42.53 24.36
CA ASN B 62 -41.10 43.02 25.36
C ASN B 62 -41.50 44.35 25.96
N GLY B 63 -42.62 44.90 25.50
CA GLY B 63 -43.05 46.22 25.91
C GLY B 63 -42.65 47.28 24.90
N LYS B 64 -41.91 46.87 23.87
CA LYS B 64 -41.52 47.80 22.81
C LYS B 64 -42.46 47.67 21.61
N PHE B 65 -42.94 48.81 21.13
CA PHE B 65 -43.71 48.81 19.90
C PHE B 65 -42.73 48.55 18.76
N VAL B 66 -43.01 47.54 17.93
CA VAL B 66 -42.11 47.11 16.85
C VAL B 66 -42.71 47.25 15.46
N VAL B 67 -42.28 48.21 14.67
CA VAL B 67 -42.59 48.13 13.25
C VAL B 67 -41.95 46.81 12.78
N VAL B 68 -42.44 46.27 11.65
CA VAL B 68 -41.97 45.01 11.08
C VAL B 68 -42.19 45.03 9.57
N GLU B 69 -41.16 45.28 8.76
CA GLU B 69 -41.37 45.21 7.31
C GLU B 69 -41.10 43.81 6.71
N ARG B 70 -41.55 43.61 5.47
CA ARG B 70 -41.42 42.31 4.80
C ARG B 70 -41.29 42.49 3.30
N GLU B 71 -40.50 41.61 2.69
CA GLU B 71 -40.16 41.77 1.29
C GLU B 71 -39.56 40.48 0.68
N LYS B 72 -39.91 40.22 -0.58
CA LYS B 72 -39.34 39.13 -1.31
C LYS B 72 -38.08 39.69 -1.94
N LYS B 73 -36.95 39.03 -1.69
CA LYS B 73 -35.74 39.26 -2.49
C LYS B 73 -35.34 37.99 -3.22
N SER B 74 -34.40 38.15 -4.16
CA SER B 74 -33.82 37.03 -4.90
C SER B 74 -32.34 36.82 -4.57
N LEU B 75 -32.06 35.89 -3.65
CA LEU B 75 -30.71 35.37 -3.38
C LEU B 75 -30.11 34.49 -4.53
N THR B 76 -28.91 34.82 -5.01
CA THR B 76 -28.39 34.13 -6.19
C THR B 76 -26.95 33.58 -6.11
N THR B 77 -26.72 32.66 -5.17
CA THR B 77 -25.49 31.86 -5.05
C THR B 77 -24.98 31.22 -6.34
N SER B 78 -23.83 30.56 -6.26
CA SER B 78 -23.15 30.14 -7.47
C SER B 78 -21.84 29.35 -7.22
N PRO B 79 -21.82 28.51 -6.20
CA PRO B 79 -20.59 27.99 -5.63
C PRO B 79 -19.76 27.12 -6.59
N VAL B 80 -18.44 27.11 -6.36
CA VAL B 80 -17.59 26.11 -6.99
C VAL B 80 -16.90 25.35 -5.88
N ASP B 81 -17.53 25.30 -4.72
CA ASP B 81 -16.99 24.52 -3.62
C ASP B 81 -18.05 23.56 -3.10
N ILE B 82 -18.59 22.74 -4.00
CA ILE B 82 -19.67 21.81 -3.69
C ILE B 82 -19.63 21.21 -2.31
N LEU B 83 -20.66 21.35 -1.48
CA LEU B 83 -20.56 20.76 -0.16
C LEU B 83 -20.54 19.27 -0.28
N ILE B 84 -20.43 18.57 0.85
CA ILE B 84 -20.33 17.13 0.85
C ILE B 84 -21.06 16.55 2.04
N ILE B 85 -22.19 15.86 1.81
CA ILE B 85 -22.98 15.36 2.96
C ILE B 85 -22.50 14.02 3.54
N ASP B 86 -22.39 14.01 4.86
CA ASP B 86 -21.99 12.83 5.65
C ASP B 86 -22.30 11.46 4.99
N SER B 87 -23.57 11.08 5.03
CA SER B 87 -24.04 9.79 4.49
C SER B 87 -23.59 9.48 3.04
N VAL B 88 -23.59 10.51 2.18
CA VAL B 88 -23.14 10.37 0.79
C VAL B 88 -21.65 10.74 0.56
N VAL B 89 -20.80 10.29 1.49
CA VAL B 89 -19.38 10.69 1.56
C VAL B 89 -18.52 9.80 0.67
N ASN B 90 -18.67 8.49 0.85
CA ASN B 90 -18.08 7.43 0.01
C ASN B 90 -18.37 7.55 -1.51
N ARG B 91 -19.03 8.62 -1.95
CA ARG B 91 -19.31 8.81 -3.35
C ARG B 91 -18.43 9.90 -3.90
N THR B 92 -17.80 10.62 -2.99
CA THR B 92 -16.98 11.75 -3.39
C THR B 92 -15.60 11.59 -2.85
N TYR B 93 -14.62 11.48 -3.73
CA TYR B 93 -13.26 11.29 -3.29
C TYR B 93 -12.40 11.75 -4.43
N PRO B 94 -11.15 12.10 -4.17
CA PRO B 94 -10.35 12.66 -5.25
C PRO B 94 -10.21 11.68 -6.38
N GLY B 95 -10.38 12.17 -7.59
CA GLY B 95 -10.28 11.32 -8.77
C GLY B 95 -11.57 10.61 -9.22
N ALA B 96 -12.60 10.57 -8.37
CA ALA B 96 -13.87 9.94 -8.73
C ALA B 96 -14.55 10.61 -9.94
N VAL B 97 -15.28 9.86 -10.76
CA VAL B 97 -16.03 10.49 -11.85
C VAL B 97 -17.52 10.46 -11.49
N GLN B 98 -18.25 11.54 -11.78
CA GLN B 98 -19.64 11.66 -11.32
C GLN B 98 -20.49 12.31 -12.37
N LEU B 99 -21.79 12.16 -12.23
CA LEU B 99 -22.69 12.71 -13.21
C LEU B 99 -23.16 14.10 -12.83
N ALA B 100 -22.87 15.05 -13.71
CA ALA B 100 -23.27 16.45 -13.52
C ALA B 100 -24.78 16.63 -13.76
N ASN B 101 -25.60 16.43 -12.74
CA ASN B 101 -27.02 16.48 -12.95
C ASN B 101 -27.82 16.96 -11.72
N LYS B 102 -29.14 17.01 -11.85
CA LYS B 102 -29.96 17.52 -10.77
C LYS B 102 -29.72 16.80 -9.45
N ALA B 103 -29.38 15.52 -9.45
CA ALA B 103 -29.10 14.89 -8.15
C ALA B 103 -27.73 15.30 -7.59
N PHE B 104 -26.86 15.71 -8.49
CA PHE B 104 -25.60 16.30 -8.10
C PHE B 104 -25.96 17.58 -7.39
N ALA B 105 -26.58 18.47 -8.15
CA ALA B 105 -26.92 19.78 -7.66
C ALA B 105 -27.69 19.71 -6.36
N ASP B 106 -27.92 18.52 -5.86
CA ASP B 106 -28.81 18.38 -4.75
C ASP B 106 -28.10 17.62 -3.67
N ASN B 107 -26.79 17.46 -3.86
CA ASN B 107 -25.88 16.87 -2.87
C ASN B 107 -25.90 15.35 -2.75
N GLN B 108 -26.43 14.68 -3.78
CA GLN B 108 -26.52 13.21 -3.82
C GLN B 108 -25.96 12.82 -5.17
N PRO B 109 -24.66 13.06 -5.40
CA PRO B 109 -24.22 12.88 -6.76
C PRO B 109 -24.23 11.40 -7.13
N SER B 110 -24.52 11.11 -8.38
CA SER B 110 -24.43 9.73 -8.77
C SER B 110 -23.03 9.41 -9.22
N LEU B 111 -22.47 8.38 -8.61
CA LEU B 111 -21.13 7.92 -8.94
C LEU B 111 -21.11 7.16 -10.28
N LEU B 112 -20.09 7.31 -11.09
CA LEU B 112 -20.13 6.61 -12.38
C LEU B 112 -19.05 5.53 -12.47
N VAL B 113 -19.32 4.37 -11.89
CA VAL B 113 -18.35 3.27 -11.76
C VAL B 113 -17.85 2.62 -13.06
N ALA B 114 -16.55 2.62 -13.29
CA ALA B 114 -16.00 1.98 -14.46
C ALA B 114 -14.51 1.74 -14.26
N LYS B 115 -13.97 0.74 -14.93
CA LYS B 115 -12.58 0.37 -14.77
C LYS B 115 -11.70 1.54 -15.15
N ARG B 116 -10.64 1.73 -14.39
CA ARG B 116 -9.86 2.96 -14.42
C ARG B 116 -8.41 2.75 -14.76
N LYS B 117 -7.82 3.70 -15.50
CA LYS B 117 -6.35 3.78 -15.60
C LYS B 117 -5.78 4.27 -14.28
N PRO B 118 -4.45 4.15 -14.08
CA PRO B 118 -4.01 4.65 -12.77
C PRO B 118 -3.99 6.20 -12.77
N LEU B 119 -4.00 6.80 -11.60
CA LEU B 119 -4.13 8.26 -11.49
C LEU B 119 -3.27 8.80 -10.37
N ASN B 120 -2.69 9.97 -10.61
CA ASN B 120 -1.89 10.62 -9.58
C ASN B 120 -2.74 11.57 -8.73
N ILE B 121 -2.74 11.35 -7.41
CA ILE B 121 -3.32 12.29 -6.48
C ILE B 121 -2.19 12.87 -5.67
N SER B 122 -2.19 14.19 -5.43
CA SER B 122 -1.12 14.89 -4.70
C SER B 122 -1.56 15.87 -3.60
N ILE B 123 -1.45 15.48 -2.33
CA ILE B 123 -1.81 16.36 -1.19
C ILE B 123 -1.11 17.73 -1.20
N ASP B 124 -1.70 18.73 -0.54
CA ASP B 124 -1.00 20.04 -0.31
C ASP B 124 -0.52 20.31 1.14
N LEU B 125 -0.32 19.27 1.96
CA LEU B 125 0.09 19.48 3.35
C LEU B 125 1.34 20.33 3.57
N PRO B 126 1.32 21.07 4.68
CA PRO B 126 2.33 22.07 5.04
C PRO B 126 3.73 21.70 4.60
N GLY B 127 4.26 20.63 5.20
CA GLY B 127 5.67 20.21 5.02
C GLY B 127 6.20 20.20 3.59
N MET B 128 5.71 21.18 2.82
CA MET B 128 5.92 21.34 1.37
C MET B 128 6.92 20.34 0.69
N ARG B 129 6.43 19.14 0.36
CA ARG B 129 7.31 18.08 -0.12
C ARG B 129 7.29 18.01 -1.61
N LYS B 130 8.22 17.22 -2.14
CA LYS B 130 8.22 16.82 -3.54
C LYS B 130 7.83 15.35 -3.49
N GLU B 131 7.81 14.81 -2.27
CA GLU B 131 7.38 13.44 -2.02
C GLU B 131 5.90 13.40 -1.62
N ASN B 132 5.09 14.31 -2.15
CA ASN B 132 3.73 14.44 -1.68
C ASN B 132 2.77 13.68 -2.58
N THR B 133 3.07 13.66 -3.87
CA THR B 133 2.36 12.87 -4.85
C THR B 133 2.39 11.37 -4.56
N ILE B 134 1.23 10.73 -4.61
CA ILE B 134 1.19 9.28 -4.76
C ILE B 134 0.55 8.95 -6.07
N THR B 135 0.77 7.73 -6.55
CA THR B 135 0.08 7.33 -7.77
C THR B 135 -0.69 6.04 -7.55
N VAL B 136 -2.01 6.15 -7.74
CA VAL B 136 -2.95 5.09 -7.36
C VAL B 136 -3.31 4.29 -8.59
N GLN B 137 -3.24 2.96 -8.44
CA GLN B 137 -3.37 2.07 -9.59
C GLN B 137 -4.81 2.04 -10.05
N ASN B 138 -5.70 1.77 -9.09
CA ASN B 138 -7.16 1.81 -9.28
C ASN B 138 -7.80 2.84 -8.39
N PRO B 139 -8.15 3.99 -8.96
CA PRO B 139 -8.74 5.13 -8.31
C PRO B 139 -10.11 4.81 -7.75
N THR B 140 -10.24 3.78 -6.95
CA THR B 140 -11.55 3.50 -6.40
C THR B 140 -11.58 4.05 -5.01
N TYR B 141 -12.75 4.49 -4.55
CA TYR B 141 -12.82 5.15 -3.25
C TYR B 141 -11.84 4.56 -2.27
N GLY B 142 -12.10 3.33 -1.84
CA GLY B 142 -11.33 2.73 -0.76
C GLY B 142 -9.83 2.96 -0.90
N ASN B 143 -9.32 2.65 -2.09
CA ASN B 143 -7.93 2.90 -2.42
C ASN B 143 -7.55 4.35 -2.23
N VAL B 144 -8.14 5.23 -3.04
CA VAL B 144 -7.85 6.66 -2.92
C VAL B 144 -7.91 7.09 -1.47
N ALA B 145 -8.98 6.75 -0.78
CA ALA B 145 -9.09 7.09 0.64
C ALA B 145 -7.80 6.72 1.30
N GLY B 146 -7.44 5.43 1.22
CA GLY B 146 -6.17 4.94 1.78
C GLY B 146 -4.92 5.70 1.38
N ALA B 147 -4.71 5.94 0.09
CA ALA B 147 -3.59 6.74 -0.39
C ALA B 147 -3.51 8.05 0.38
N VAL B 148 -4.65 8.73 0.52
CA VAL B 148 -4.69 9.93 1.30
C VAL B 148 -4.17 9.61 2.69
N ASP B 149 -4.93 8.83 3.48
CA ASP B 149 -4.49 8.37 4.81
C ASP B 149 -2.99 8.11 4.99
N ASP B 150 -2.35 7.54 3.97
CA ASP B 150 -0.91 7.28 3.99
C ASP B 150 -0.15 8.62 4.02
N LEU B 151 -0.28 9.36 2.92
CA LEU B 151 0.21 10.74 2.83
C LEU B 151 0.00 11.56 4.09
N VAL B 152 -1.19 11.50 4.66
CA VAL B 152 -1.43 12.22 5.89
C VAL B 152 -0.44 11.79 6.97
N SER B 153 -0.49 10.52 7.38
CA SER B 153 0.36 10.07 8.47
C SER B 153 1.86 9.89 8.11
N THR B 154 2.22 10.16 6.85
CA THR B 154 3.61 10.42 6.45
C THR B 154 4.03 11.78 7.01
N TRP B 155 3.47 12.84 6.44
CA TRP B 155 3.67 14.22 6.92
C TRP B 155 3.49 14.28 8.45
N ASN B 156 2.48 13.62 8.97
CA ASN B 156 2.30 13.58 10.42
C ASN B 156 3.42 12.92 11.22
N GLU B 157 4.19 12.02 10.61
CA GLU B 157 5.33 11.42 11.27
C GLU B 157 6.60 12.20 10.98
N LYS B 158 6.93 12.32 9.70
CA LYS B 158 8.16 12.98 9.27
C LYS B 158 8.06 14.50 8.94
N TYR B 159 7.25 15.27 9.69
CA TYR B 159 7.05 16.72 9.43
C TYR B 159 6.13 17.40 10.48
N SER B 160 5.42 16.58 11.24
CA SER B 160 4.32 17.01 12.11
C SER B 160 4.56 18.28 12.90
N THR B 161 5.72 18.41 13.53
CA THR B 161 6.10 19.65 14.24
C THR B 161 7.15 20.47 13.47
N THR B 162 8.09 19.78 12.82
CA THR B 162 8.99 20.47 11.90
C THR B 162 8.23 21.57 11.13
N HIS B 163 6.93 21.35 10.92
CA HIS B 163 6.04 22.29 10.21
C HIS B 163 4.69 22.62 10.91
N THR B 164 3.98 23.62 10.36
CA THR B 164 2.82 24.19 11.05
C THR B 164 1.74 24.73 10.10
N LEU B 165 0.48 24.61 10.53
CA LEU B 165 -0.66 24.70 9.62
C LEU B 165 -1.25 26.11 9.42
N PRO B 166 -1.24 26.59 8.17
CA PRO B 166 -1.77 27.91 7.81
C PRO B 166 -3.26 27.89 7.97
N ALA B 167 -3.80 28.70 8.88
CA ALA B 167 -5.26 28.79 9.04
C ALA B 167 -5.90 29.05 7.68
N ARG B 168 -6.68 28.07 7.20
CA ARG B 168 -7.45 28.21 5.98
C ARG B 168 -8.83 27.88 6.40
N MET B 169 -9.80 28.55 5.79
CA MET B 169 -11.19 28.50 6.24
C MET B 169 -12.18 28.87 5.15
N GLN B 170 -13.31 28.18 5.15
CA GLN B 170 -14.48 28.64 4.40
C GLN B 170 -15.44 29.18 5.47
N TYR B 171 -15.58 30.51 5.52
CA TYR B 171 -16.40 31.11 6.56
C TYR B 171 -17.59 31.75 5.93
N THR B 172 -18.76 31.48 6.52
CA THR B 172 -20.00 32.10 6.05
C THR B 172 -20.90 32.33 7.21
N GLU B 173 -21.62 33.44 7.12
CA GLU B 173 -22.54 33.86 8.17
C GLU B 173 -23.70 34.57 7.49
N SER B 174 -24.89 34.30 8.00
CA SER B 174 -26.06 35.09 7.66
C SER B 174 -27.23 35.07 8.64
N MET B 175 -28.12 36.04 8.49
CA MET B 175 -29.39 36.04 9.20
C MET B 175 -30.26 34.94 8.54
N VAL B 176 -31.15 34.31 9.31
CA VAL B 176 -31.96 33.23 8.75
C VAL B 176 -33.36 33.69 8.38
N TYR B 177 -33.80 33.46 7.15
CA TYR B 177 -35.24 33.59 6.85
C TYR B 177 -35.94 32.24 6.51
N SER B 178 -35.68 31.65 5.33
CA SER B 178 -36.20 30.30 5.04
C SER B 178 -35.07 29.28 5.04
N LYS B 179 -35.41 28.00 5.28
CA LYS B 179 -34.49 26.89 5.02
C LYS B 179 -33.92 27.09 3.60
N SER B 180 -34.80 27.28 2.63
CA SER B 180 -34.30 27.57 1.28
C SER B 180 -33.14 28.57 1.27
N GLN B 181 -33.21 29.60 2.10
CA GLN B 181 -32.32 30.73 1.97
C GLN B 181 -31.06 30.63 2.81
N ILE B 182 -31.20 30.23 4.07
CA ILE B 182 -30.01 30.08 4.91
C ILE B 182 -29.05 29.11 4.22
N ALA B 183 -29.53 27.90 3.98
CA ALA B 183 -28.83 26.94 3.14
C ALA B 183 -28.18 27.73 2.02
N SER B 184 -28.95 28.10 1.02
CA SER B 184 -28.32 28.68 -0.13
C SER B 184 -27.17 29.62 0.22
N ALA B 185 -27.35 30.38 1.30
CA ALA B 185 -26.46 31.52 1.60
C ALA B 185 -25.25 31.11 2.38
N LEU B 186 -25.47 30.68 3.63
CA LEU B 186 -24.51 29.89 4.37
C LEU B 186 -23.71 28.87 3.55
N ASN B 187 -24.03 28.66 2.27
CA ASN B 187 -23.62 27.44 1.52
C ASN B 187 -23.54 26.09 2.23
N VAL B 188 -24.61 25.66 2.89
CA VAL B 188 -24.63 24.31 3.43
C VAL B 188 -25.88 23.51 2.96
N ASN B 189 -26.17 22.40 3.64
CA ASN B 189 -27.34 21.62 3.27
C ASN B 189 -28.50 21.79 4.25
N ALA B 190 -29.65 22.23 3.71
CA ALA B 190 -30.78 22.68 4.52
C ALA B 190 -31.22 21.68 5.61
N LYS B 191 -31.54 20.46 5.21
CA LYS B 191 -31.94 19.49 6.23
C LYS B 191 -30.82 19.36 7.26
N TYR B 192 -29.64 18.97 6.78
CA TYR B 192 -28.52 18.70 7.67
C TYR B 192 -28.41 19.78 8.75
N LEU B 193 -28.52 21.03 8.32
CA LEU B 193 -28.41 22.21 9.18
C LEU B 193 -29.53 22.25 10.20
N ASP B 194 -30.76 22.26 9.69
CA ASP B 194 -31.91 22.39 10.56
C ASP B 194 -32.01 21.19 11.47
N ASN B 195 -31.55 20.06 10.98
CA ASN B 195 -31.54 18.88 11.81
C ASN B 195 -30.69 19.09 13.06
N SER B 196 -29.61 19.86 12.92
CA SER B 196 -28.65 20.01 14.02
C SER B 196 -28.96 21.23 14.87
N LEU B 197 -29.46 22.28 14.22
CA LEU B 197 -29.69 23.56 14.88
C LEU B 197 -31.13 23.79 15.37
N ASN B 198 -32.11 23.61 14.49
CA ASN B 198 -33.54 23.78 14.86
C ASN B 198 -34.05 25.19 14.74
N ILE B 199 -33.74 25.82 13.62
CA ILE B 199 -34.13 27.19 13.37
C ILE B 199 -35.66 27.38 13.37
N ASP B 200 -36.20 27.90 14.47
CA ASP B 200 -37.61 28.28 14.53
C ASP B 200 -37.91 29.36 13.48
N PHE B 201 -37.66 29.06 12.22
CA PHE B 201 -37.89 30.01 11.14
C PHE B 201 -39.13 30.88 11.30
N ASN B 202 -40.01 30.48 12.21
CA ASN B 202 -41.33 31.07 12.36
C ASN B 202 -41.36 32.34 13.19
N ALA B 203 -41.16 32.15 14.51
CA ALA B 203 -40.93 33.29 15.36
C ALA B 203 -40.27 34.34 14.46
N VAL B 204 -39.14 33.99 13.87
CA VAL B 204 -38.48 34.88 12.91
C VAL B 204 -39.42 35.43 11.84
N ALA B 205 -40.31 34.60 11.34
CA ALA B 205 -41.01 35.00 10.13
C ALA B 205 -41.90 36.18 10.46
N ASN B 206 -42.35 36.22 11.73
CA ASN B 206 -43.12 37.36 12.25
C ASN B 206 -42.67 37.85 13.64
N GLY B 207 -41.93 38.96 13.64
CA GLY B 207 -41.56 39.65 14.87
C GLY B 207 -41.08 38.94 16.14
N GLU B 208 -41.39 37.67 16.35
CA GLU B 208 -41.13 37.08 17.69
C GLU B 208 -39.65 36.91 18.12
N LYS B 209 -38.73 36.89 17.16
CA LYS B 209 -37.36 36.39 17.39
C LYS B 209 -36.45 36.86 16.25
N LYS B 210 -35.17 37.06 16.54
CA LYS B 210 -34.17 37.36 15.49
C LYS B 210 -32.97 36.41 15.58
N VAL B 211 -32.56 35.86 14.42
CA VAL B 211 -31.53 34.79 14.39
C VAL B 211 -30.53 34.86 13.24
N MET B 212 -29.23 34.72 13.57
CA MET B 212 -28.22 34.36 12.55
C MET B 212 -27.36 33.16 12.92
N VAL B 213 -26.74 32.65 11.86
CA VAL B 213 -26.05 31.39 11.88
C VAL B 213 -24.75 31.56 11.15
N ALA B 214 -23.71 30.98 11.73
CA ALA B 214 -22.42 31.08 11.10
C ALA B 214 -21.88 29.72 10.87
N ALA B 215 -21.32 29.53 9.69
CA ALA B 215 -20.68 28.28 9.37
C ALA B 215 -19.18 28.47 9.31
N TYR B 216 -18.49 27.87 10.28
CA TYR B 216 -17.04 27.87 10.29
C TYR B 216 -16.47 26.59 9.65
N LYS B 217 -16.20 26.64 8.35
CA LYS B 217 -15.64 25.47 7.65
C LYS B 217 -14.12 25.51 7.54
N GLN B 218 -13.44 24.84 8.48
CA GLN B 218 -11.96 24.91 8.59
C GLN B 218 -11.26 23.88 7.71
N ILE B 219 -10.36 24.33 6.85
CA ILE B 219 -9.54 23.38 6.08
C ILE B 219 -8.18 23.01 6.72
N PHE B 220 -7.90 21.72 6.85
CA PHE B 220 -6.55 21.29 7.25
C PHE B 220 -5.65 20.88 6.05
N TYR B 221 -6.24 20.30 4.98
CA TYR B 221 -5.54 20.05 3.70
C TYR B 221 -6.45 19.75 2.53
N THR B 222 -5.94 19.91 1.32
CA THR B 222 -6.72 19.49 0.18
C THR B 222 -5.95 18.59 -0.81
N VAL B 223 -6.44 17.35 -0.99
CA VAL B 223 -5.87 16.43 -1.99
C VAL B 223 -6.41 16.75 -3.34
N SER B 224 -5.59 16.57 -4.36
CA SER B 224 -5.94 17.09 -5.65
C SER B 224 -5.68 15.96 -6.61
N ALA B 225 -6.28 15.99 -7.79
CA ALA B 225 -6.20 14.81 -8.66
C ALA B 225 -5.95 15.19 -10.11
N GLU B 226 -4.89 14.65 -10.68
CA GLU B 226 -4.40 15.15 -11.93
C GLU B 226 -5.48 15.25 -12.98
N LEU B 227 -5.97 16.44 -13.24
CA LEU B 227 -6.77 16.61 -14.42
C LEU B 227 -6.07 15.81 -15.53
N PRO B 228 -6.81 14.98 -16.28
CA PRO B 228 -6.19 14.22 -17.37
C PRO B 228 -6.41 14.92 -18.69
N ASN B 229 -5.35 15.04 -19.46
CA ASN B 229 -5.39 15.71 -20.76
C ASN B 229 -6.61 15.30 -21.60
N ASN B 230 -6.78 14.00 -21.82
CA ASN B 230 -7.94 13.50 -22.57
C ASN B 230 -8.82 12.52 -21.78
N PRO B 231 -10.14 12.72 -21.80
CA PRO B 231 -11.00 12.05 -20.82
C PRO B 231 -10.74 10.56 -20.82
N SER B 232 -10.52 10.03 -22.01
CA SER B 232 -10.23 8.61 -22.21
C SER B 232 -9.16 8.12 -21.23
N ASP B 233 -8.22 9.00 -20.92
CA ASP B 233 -7.09 8.68 -20.06
C ASP B 233 -7.51 8.24 -18.67
N LEU B 234 -8.81 8.27 -18.40
CA LEU B 234 -9.28 8.02 -17.04
C LEU B 234 -9.68 6.56 -16.84
N PHE B 235 -9.95 5.93 -17.98
CA PHE B 235 -10.64 4.66 -18.06
C PHE B 235 -9.78 3.64 -18.73
N ASP B 236 -9.81 2.43 -18.20
CA ASP B 236 -9.23 1.27 -18.87
C ASP B 236 -9.55 1.22 -20.38
N ASN B 237 -9.05 0.23 -21.10
CA ASN B 237 -9.44 0.13 -22.53
C ASN B 237 -10.69 -0.69 -22.72
N SER B 238 -10.98 -1.50 -21.71
CA SER B 238 -12.12 -2.36 -21.71
C SER B 238 -13.35 -1.50 -21.67
N VAL B 239 -13.16 -0.19 -21.65
CA VAL B 239 -14.27 0.70 -21.45
C VAL B 239 -14.66 1.40 -22.74
N THR B 240 -15.95 1.36 -23.08
CA THR B 240 -16.46 2.02 -24.27
C THR B 240 -17.39 3.15 -23.90
N PHE B 241 -17.68 3.99 -24.89
CA PHE B 241 -18.55 5.13 -24.69
C PHE B 241 -19.96 4.65 -24.31
N ASP B 242 -20.41 3.62 -25.03
CA ASP B 242 -21.70 3.00 -24.73
C ASP B 242 -21.69 2.64 -23.27
N GLU B 243 -20.67 1.91 -22.83
CA GLU B 243 -20.57 1.64 -21.40
C GLU B 243 -20.90 2.89 -20.59
N LEU B 244 -20.24 3.99 -20.90
CA LEU B 244 -20.50 5.19 -20.14
C LEU B 244 -21.97 5.57 -20.31
N THR B 245 -22.41 5.83 -21.53
CA THR B 245 -23.77 6.36 -21.68
C THR B 245 -24.79 5.43 -21.04
N ARG B 246 -24.80 4.18 -21.44
CA ARG B 246 -25.67 3.21 -20.79
C ARG B 246 -25.51 3.31 -19.25
N LYS B 247 -24.37 3.83 -18.82
CA LYS B 247 -24.08 3.98 -17.40
C LYS B 247 -24.52 5.31 -16.75
N GLY B 248 -24.89 6.30 -17.56
CA GLY B 248 -25.35 7.59 -17.01
C GLY B 248 -25.14 8.74 -17.98
N VAL B 249 -24.10 8.65 -18.77
CA VAL B 249 -23.66 9.80 -19.54
C VAL B 249 -24.66 10.25 -20.59
N SER B 250 -24.97 11.55 -20.62
CA SER B 250 -25.86 12.12 -21.63
C SER B 250 -25.81 13.63 -21.58
N ASN B 251 -26.33 14.29 -22.61
CA ASN B 251 -26.45 15.75 -22.58
C ASN B 251 -27.18 16.29 -21.37
N SER B 252 -28.07 15.50 -20.81
CA SER B 252 -28.77 15.99 -19.64
C SER B 252 -27.89 15.73 -18.43
N ALA B 253 -26.74 15.09 -18.63
CA ALA B 253 -25.89 14.76 -17.49
C ALA B 253 -24.51 14.27 -17.93
N PRO B 254 -23.60 15.22 -18.13
CA PRO B 254 -22.30 14.87 -18.60
C PRO B 254 -21.48 14.54 -17.37
N PRO B 255 -20.21 14.15 -17.59
CA PRO B 255 -19.43 13.60 -16.52
C PRO B 255 -18.49 14.66 -15.97
N VAL B 256 -18.24 14.61 -14.67
CA VAL B 256 -17.21 15.47 -14.09
C VAL B 256 -16.28 14.59 -13.26
N MET B 257 -15.02 15.01 -13.15
CA MET B 257 -14.12 14.36 -12.21
C MET B 257 -14.05 15.18 -10.92
N VAL B 258 -14.12 14.48 -9.80
CA VAL B 258 -13.88 15.09 -8.54
C VAL B 258 -12.43 15.39 -8.51
N SER B 259 -12.07 16.59 -8.94
CA SER B 259 -10.68 16.98 -9.16
C SER B 259 -9.95 17.66 -7.98
N ASN B 260 -10.64 17.86 -6.85
CA ASN B 260 -10.02 18.16 -5.53
C ASN B 260 -10.98 18.08 -4.31
N VAL B 261 -10.57 17.38 -3.26
CA VAL B 261 -11.35 17.39 -2.05
C VAL B 261 -10.60 18.10 -0.90
N ALA B 262 -11.29 19.06 -0.27
CA ALA B 262 -10.76 19.75 0.91
C ALA B 262 -11.22 19.04 2.17
N TYR B 263 -10.29 18.68 3.05
CA TYR B 263 -10.67 17.93 4.26
C TYR B 263 -10.41 18.82 5.48
N GLY B 264 -11.16 18.61 6.55
CA GLY B 264 -11.05 19.50 7.67
C GLY B 264 -12.06 19.24 8.76
N ARG B 265 -12.78 20.27 9.15
CA ARG B 265 -13.66 20.19 10.31
C ARG B 265 -14.64 21.36 10.34
N THR B 266 -15.87 21.09 10.78
CA THR B 266 -16.91 22.11 10.76
C THR B 266 -17.49 22.42 12.13
N VAL B 267 -17.70 23.71 12.39
CA VAL B 267 -18.53 24.14 13.50
C VAL B 267 -19.58 25.06 12.97
N TYR B 268 -20.79 24.86 13.48
CA TYR B 268 -21.94 25.71 13.22
C TYR B 268 -22.21 26.52 14.49
N VAL B 269 -22.55 27.79 14.32
CA VAL B 269 -22.90 28.59 15.47
C VAL B 269 -24.24 29.24 15.27
N LYS B 270 -25.12 29.10 16.27
CA LYS B 270 -26.46 29.74 16.20
C LYS B 270 -26.60 30.91 17.16
N LEU B 271 -26.87 32.07 16.59
CA LEU B 271 -27.01 33.23 17.40
C LEU B 271 -28.44 33.72 17.30
N GLU B 272 -29.18 33.63 18.42
CA GLU B 272 -30.57 34.15 18.41
C GLU B 272 -30.92 35.04 19.62
N THR B 273 -31.69 36.09 19.37
CA THR B 273 -32.09 36.98 20.43
C THR B 273 -33.56 37.39 20.38
N THR B 274 -34.11 37.72 21.55
CA THR B 274 -35.49 38.20 21.65
C THR B 274 -35.65 39.65 21.19
N SER B 275 -34.60 40.48 21.30
CA SER B 275 -34.66 41.87 20.82
C SER B 275 -35.12 41.93 19.36
N LYS B 276 -35.68 43.05 18.92
CA LYS B 276 -35.99 43.23 17.49
C LYS B 276 -35.37 44.50 16.95
N SER B 277 -34.31 44.92 17.63
CA SER B 277 -33.63 46.19 17.37
C SER B 277 -32.89 46.17 16.04
N LYS B 278 -33.10 47.17 15.20
CA LYS B 278 -32.37 47.21 13.91
C LYS B 278 -30.90 46.71 14.01
N ASP B 279 -30.35 46.74 15.22
CA ASP B 279 -28.94 46.46 15.40
C ASP B 279 -28.59 44.99 15.60
N VAL B 280 -29.59 44.12 15.78
CA VAL B 280 -29.28 42.74 16.15
C VAL B 280 -28.31 42.18 15.13
N GLN B 281 -28.52 42.56 13.85
CA GLN B 281 -27.61 42.14 12.79
C GLN B 281 -26.18 42.45 13.16
N ALA B 282 -25.76 43.68 12.87
CA ALA B 282 -24.40 44.09 13.04
C ALA B 282 -23.86 43.75 14.43
N ALA B 283 -24.74 43.70 15.42
CA ALA B 283 -24.30 43.35 16.75
C ALA B 283 -23.71 41.97 16.80
N PHE B 284 -24.14 41.12 15.88
CA PHE B 284 -23.72 39.73 15.88
C PHE B 284 -22.50 39.62 15.00
N LYS B 285 -22.66 40.01 13.75
CA LYS B 285 -21.55 40.01 12.85
C LYS B 285 -20.30 40.47 13.62
N ALA B 286 -20.54 41.19 14.71
CA ALA B 286 -19.47 41.82 15.48
C ALA B 286 -19.08 40.97 16.66
N LEU B 287 -20.08 40.44 17.37
CA LEU B 287 -19.77 39.50 18.41
C LEU B 287 -18.91 38.39 17.83
N LEU B 288 -19.19 37.99 16.57
CA LEU B 288 -18.51 36.84 15.91
C LEU B 288 -17.03 37.11 15.68
N LYS B 289 -16.74 38.14 14.88
CA LYS B 289 -15.37 38.53 14.56
C LYS B 289 -14.41 38.41 15.75
N ASN B 290 -14.68 39.15 16.82
CA ASN B 290 -13.77 39.21 17.99
C ASN B 290 -14.50 39.45 19.35
N ASN B 291 -13.76 39.86 20.38
CA ASN B 291 -14.39 40.12 21.68
C ASN B 291 -14.18 41.55 22.13
N SER B 292 -13.91 42.42 21.17
CA SER B 292 -13.71 43.84 21.46
C SER B 292 -15.05 44.49 21.70
N VAL B 293 -16.10 43.92 21.11
CA VAL B 293 -17.43 44.47 21.36
C VAL B 293 -18.02 43.84 22.61
N GLU B 294 -17.52 42.64 22.96
CA GLU B 294 -18.00 41.83 24.10
C GLU B 294 -18.01 42.62 25.42
N THR B 295 -16.81 42.96 25.88
CA THR B 295 -16.69 43.94 26.95
C THR B 295 -16.25 45.23 26.26
N SER B 296 -17.19 46.17 26.24
CA SER B 296 -17.11 47.39 25.46
C SER B 296 -18.44 48.03 25.77
N GLY B 297 -19.43 47.17 26.01
CA GLY B 297 -20.74 47.59 26.48
C GLY B 297 -21.70 48.00 25.38
N GLN B 298 -21.22 48.08 24.14
CA GLN B 298 -22.13 48.43 23.05
C GLN B 298 -23.13 47.27 22.86
N TYR B 299 -24.37 47.59 22.49
CA TYR B 299 -25.38 46.55 22.30
C TYR B 299 -25.57 45.65 23.53
N LYS B 300 -25.70 46.21 24.75
CA LYS B 300 -25.70 45.33 25.95
C LYS B 300 -27.05 44.65 26.17
N ASP B 301 -28.14 45.36 25.86
CA ASP B 301 -29.48 44.81 26.07
C ASP B 301 -29.72 43.59 25.14
N ILE B 302 -29.05 43.60 23.99
CA ILE B 302 -29.14 42.51 23.03
C ILE B 302 -28.48 41.21 23.49
N PHE B 303 -27.18 41.20 23.73
CA PHE B 303 -26.54 39.94 24.16
C PHE B 303 -27.09 39.44 25.49
N GLU B 304 -28.08 40.15 26.00
CA GLU B 304 -28.84 39.66 27.15
C GLU B 304 -29.91 38.72 26.67
N GLU B 305 -30.67 39.20 25.70
CA GLU B 305 -31.77 38.48 25.11
C GLU B 305 -31.24 37.57 24.01
N SER B 306 -29.93 37.35 24.04
CA SER B 306 -29.30 36.50 23.06
C SER B 306 -28.87 35.24 23.75
N THR B 307 -29.09 34.12 23.06
CA THR B 307 -28.53 32.86 23.50
C THR B 307 -27.83 32.21 22.29
N PHE B 308 -26.79 31.41 22.54
CA PHE B 308 -25.96 30.92 21.45
C PHE B 308 -25.79 29.42 21.46
N THR B 309 -25.63 28.87 20.27
CA THR B 309 -25.48 27.42 20.12
C THR B 309 -24.41 27.06 19.11
N ALA B 310 -23.64 26.03 19.44
CA ALA B 310 -22.55 25.61 18.57
C ALA B 310 -22.54 24.11 18.50
N VAL B 311 -22.54 23.57 17.29
CA VAL B 311 -22.44 22.11 17.09
C VAL B 311 -21.18 21.81 16.30
N VAL B 312 -20.58 20.66 16.56
CA VAL B 312 -19.42 20.28 15.77
C VAL B 312 -19.63 19.07 14.85
N LEU B 313 -20.13 19.28 13.64
CA LEU B 313 -20.26 18.18 12.71
C LEU B 313 -19.21 17.07 12.90
N GLY B 314 -19.69 15.81 12.96
CA GLY B 314 -18.85 14.60 12.82
C GLY B 314 -18.88 13.97 11.41
N GLY B 315 -19.23 12.68 11.33
CA GLY B 315 -19.25 11.98 10.02
C GLY B 315 -19.67 10.51 10.04
N ASP B 316 -20.08 10.03 11.23
CA ASP B 316 -20.64 8.68 11.46
C ASP B 316 -21.44 8.67 12.78
N LYS B 322 -22.70 18.83 20.71
CA LYS B 322 -23.30 20.18 20.61
C LYS B 322 -23.58 20.86 21.95
N VAL B 323 -23.22 22.14 22.04
CA VAL B 323 -23.38 22.90 23.27
C VAL B 323 -24.26 24.15 23.08
N VAL B 324 -24.94 24.54 24.15
CA VAL B 324 -25.78 25.73 24.09
C VAL B 324 -25.58 26.51 25.38
N THR B 325 -25.06 27.72 25.26
CA THR B 325 -24.81 28.56 26.45
C THR B 325 -24.93 30.06 26.17
N LYS B 326 -25.02 30.83 27.26
CA LYS B 326 -25.27 32.26 27.16
C LYS B 326 -23.99 33.10 27.32
N ASP B 327 -22.90 32.40 27.57
CA ASP B 327 -21.57 32.98 27.66
C ASP B 327 -20.85 32.68 26.35
N PHE B 328 -20.85 33.66 25.43
CA PHE B 328 -20.40 33.42 24.07
C PHE B 328 -18.95 33.00 24.05
N ASN B 329 -18.25 33.29 25.12
CA ASN B 329 -16.87 32.89 25.19
C ASN B 329 -16.67 31.38 25.19
N GLU B 330 -17.71 30.62 25.52
CA GLU B 330 -17.65 29.16 25.39
C GLU B 330 -17.74 28.79 23.91
N ILE B 331 -18.57 29.52 23.17
CA ILE B 331 -18.66 29.31 21.75
C ILE B 331 -17.30 29.56 21.08
N ARG B 332 -16.58 30.62 21.48
CA ARG B 332 -15.29 30.91 20.79
C ARG B 332 -14.41 29.75 21.05
N ASN B 333 -14.42 29.27 22.28
CA ASN B 333 -13.59 28.16 22.67
C ASN B 333 -13.76 26.94 21.82
N ILE B 334 -15.01 26.60 21.53
CA ILE B 334 -15.29 25.50 20.64
C ILE B 334 -14.81 25.77 19.22
N ILE B 335 -15.02 26.98 18.71
CA ILE B 335 -14.53 27.30 17.38
C ILE B 335 -13.03 27.13 17.31
N LYS B 336 -12.35 27.48 18.40
CA LYS B 336 -10.90 27.48 18.38
C LYS B 336 -10.43 26.05 18.38
N ASP B 337 -10.89 25.27 19.36
CA ASP B 337 -10.42 23.89 19.49
C ASP B 337 -10.48 23.20 18.14
N ASN B 338 -11.16 23.83 17.19
CA ASN B 338 -11.46 23.15 15.95
C ASN B 338 -10.78 23.68 14.71
N ALA B 339 -9.84 24.62 14.88
CA ALA B 339 -8.97 24.99 13.76
C ALA B 339 -7.69 24.19 13.90
N GLU B 340 -7.80 23.03 14.53
CA GLU B 340 -6.63 22.22 14.77
C GLU B 340 -6.77 20.77 14.33
N LEU B 341 -5.88 20.35 13.44
CA LEU B 341 -5.74 18.94 13.15
C LEU B 341 -5.46 18.24 14.49
N SER B 342 -5.90 16.99 14.67
CA SER B 342 -5.46 16.21 15.84
C SER B 342 -5.90 14.73 15.76
N PHE B 343 -5.24 13.84 16.51
CA PHE B 343 -5.67 12.44 16.51
C PHE B 343 -7.06 12.31 17.17
N LYS B 344 -7.32 13.16 18.18
CA LYS B 344 -8.63 13.23 18.83
C LYS B 344 -9.73 13.85 17.94
N ASN B 345 -9.34 14.77 17.05
CA ASN B 345 -10.29 15.51 16.20
C ASN B 345 -10.00 15.38 14.70
N PRO B 346 -10.25 14.20 14.13
CA PRO B 346 -9.79 13.86 12.77
C PRO B 346 -10.48 14.69 11.69
N ALA B 347 -9.76 15.05 10.63
CA ALA B 347 -10.34 15.79 9.52
C ALA B 347 -11.48 15.01 8.92
N TYR B 348 -12.02 15.51 7.80
CA TYR B 348 -12.99 14.80 6.97
C TYR B 348 -13.39 15.61 5.76
N PRO B 349 -13.79 14.93 4.68
CA PRO B 349 -14.02 15.71 3.47
C PRO B 349 -15.06 16.78 3.82
N ILE B 350 -15.02 17.91 3.11
CA ILE B 350 -15.84 19.02 3.50
C ILE B 350 -16.39 19.70 2.31
N SER B 351 -15.55 20.02 1.35
CA SER B 351 -16.05 20.59 0.14
C SER B 351 -15.22 19.98 -0.95
N TYR B 352 -15.63 20.14 -2.21
CA TYR B 352 -14.86 19.59 -3.30
C TYR B 352 -14.99 20.37 -4.58
N THR B 353 -14.28 19.94 -5.60
CA THR B 353 -14.18 20.72 -6.84
C THR B 353 -14.35 19.87 -8.09
N SER B 354 -15.25 20.22 -9.01
CA SER B 354 -15.53 19.29 -10.08
C SER B 354 -15.20 19.83 -11.44
N THR B 355 -14.52 19.02 -12.24
CA THR B 355 -14.20 19.43 -13.59
C THR B 355 -14.94 18.56 -14.62
N PHE B 356 -15.73 19.20 -15.48
CA PHE B 356 -16.34 18.51 -16.61
C PHE B 356 -15.21 17.90 -17.38
N LEU B 357 -15.36 16.64 -17.81
CA LEU B 357 -14.28 15.98 -18.55
C LEU B 357 -14.17 16.57 -19.93
N LYS B 358 -15.27 17.11 -20.42
CA LYS B 358 -15.25 17.61 -21.80
C LYS B 358 -14.08 18.55 -22.10
N ASP B 359 -13.97 19.64 -21.35
CA ASP B 359 -13.02 20.73 -21.64
C ASP B 359 -12.29 21.17 -20.36
N ASN B 360 -12.50 20.41 -19.31
CA ASN B 360 -11.91 20.69 -18.04
C ASN B 360 -12.33 22.00 -17.37
N ALA B 361 -13.50 22.52 -17.74
CA ALA B 361 -14.13 23.65 -17.03
C ALA B 361 -14.48 23.26 -15.59
N THR B 362 -14.53 24.23 -14.67
CA THR B 362 -14.91 23.91 -13.29
C THR B 362 -16.41 23.89 -13.17
N ALA B 363 -16.94 22.90 -12.46
CA ALA B 363 -18.39 22.82 -12.31
C ALA B 363 -18.88 23.80 -11.24
N ALA B 364 -19.83 24.64 -11.64
CA ALA B 364 -20.48 25.58 -10.74
C ALA B 364 -21.97 25.26 -10.56
N VAL B 365 -22.42 25.02 -9.33
CA VAL B 365 -23.84 24.73 -9.10
C VAL B 365 -24.78 25.93 -8.87
N HIS B 366 -25.21 26.62 -9.95
CA HIS B 366 -26.14 27.80 -9.85
C HIS B 366 -27.42 27.64 -9.05
N ASN B 367 -27.54 28.46 -8.02
CA ASN B 367 -28.58 28.36 -7.02
C ASN B 367 -29.49 29.56 -7.15
N ASN B 368 -30.63 29.55 -6.47
CA ASN B 368 -31.63 30.62 -6.66
C ASN B 368 -32.79 30.70 -5.70
N THR B 369 -32.53 30.73 -4.41
CA THR B 369 -33.61 30.70 -3.42
C THR B 369 -34.38 32.02 -3.43
N ASP B 370 -35.70 31.94 -3.17
CA ASP B 370 -36.51 33.12 -2.90
C ASP B 370 -37.06 33.05 -1.48
N TYR B 371 -37.27 34.22 -0.89
CA TYR B 371 -37.72 34.22 0.49
C TYR B 371 -38.19 35.59 0.98
N ILE B 372 -38.80 35.55 2.16
CA ILE B 372 -39.47 36.65 2.83
C ILE B 372 -38.59 37.22 3.92
N GLU B 373 -37.92 38.32 3.61
CA GLU B 373 -37.09 38.94 4.62
C GLU B 373 -37.91 39.78 5.56
N THR B 374 -38.11 39.30 6.76
CA THR B 374 -38.74 40.16 7.71
C THR B 374 -37.66 40.95 8.47
N THR B 375 -37.67 42.27 8.29
CA THR B 375 -36.85 43.18 9.09
C THR B 375 -37.56 43.70 10.37
N THR B 376 -36.89 44.52 11.16
CA THR B 376 -37.48 44.96 12.42
C THR B 376 -37.03 46.38 12.76
N THR B 377 -37.83 47.10 13.55
CA THR B 377 -37.34 48.33 14.20
C THR B 377 -37.99 48.52 15.55
N GLU B 378 -37.23 48.55 16.63
CA GLU B 378 -37.88 48.77 17.92
C GLU B 378 -38.25 50.23 18.20
N TYR B 379 -39.08 50.46 19.22
CA TYR B 379 -39.49 51.80 19.63
C TYR B 379 -39.93 51.64 21.06
N SER B 380 -39.51 52.54 21.96
CA SER B 380 -39.94 52.43 23.35
C SER B 380 -40.47 53.71 23.96
N SER B 381 -41.22 53.53 25.04
CA SER B 381 -41.96 54.60 25.70
C SER B 381 -41.02 55.69 26.18
N ALA B 382 -41.54 56.92 26.20
CA ALA B 382 -40.78 58.12 26.58
C ALA B 382 -41.40 58.94 27.75
N LYS B 383 -40.51 59.51 28.57
CA LYS B 383 -40.86 60.34 29.75
C LYS B 383 -40.52 61.81 29.53
N MET B 384 -41.48 62.59 29.04
CA MET B 384 -41.26 64.02 28.89
C MET B 384 -41.40 64.70 30.25
N THR B 385 -40.79 65.87 30.37
CA THR B 385 -40.63 66.54 31.63
C THR B 385 -40.50 68.05 31.41
N LEU B 386 -41.57 68.77 31.72
CA LEU B 386 -41.52 70.23 31.81
C LEU B 386 -41.05 70.64 33.22
N ASP B 387 -40.22 71.65 33.28
CA ASP B 387 -39.84 72.20 34.55
C ASP B 387 -39.72 73.69 34.33
N HIS B 388 -40.34 74.49 35.18
CA HIS B 388 -40.27 75.91 34.98
C HIS B 388 -39.74 76.65 36.21
N TYR B 389 -38.64 77.37 36.07
CA TYR B 389 -38.05 78.06 37.20
C TYR B 389 -38.03 79.55 36.89
N GLY B 390 -38.68 79.93 35.80
CA GLY B 390 -38.46 81.28 35.25
C GLY B 390 -39.14 82.36 36.07
N ALA B 391 -38.41 83.42 36.35
CA ALA B 391 -39.00 84.60 37.00
C ALA B 391 -40.05 85.28 36.10
N TYR B 392 -41.03 84.56 35.55
CA TYR B 392 -41.93 85.16 34.55
C TYR B 392 -43.00 84.17 34.21
N VAL B 393 -44.19 84.61 33.85
CA VAL B 393 -45.21 83.62 33.56
C VAL B 393 -44.84 83.00 32.24
N ALA B 394 -45.19 81.74 32.00
CA ALA B 394 -44.76 81.15 30.76
C ALA B 394 -45.75 80.11 30.29
N GLN B 395 -45.47 79.53 29.14
CA GLN B 395 -46.46 78.70 28.49
C GLN B 395 -45.84 77.56 27.66
N PHE B 396 -46.36 76.35 27.81
CA PHE B 396 -45.84 75.22 27.04
C PHE B 396 -46.88 74.71 26.04
N ASP B 397 -46.52 74.69 24.76
CA ASP B 397 -47.30 73.89 23.82
C ASP B 397 -46.50 72.63 23.58
N VAL B 398 -47.15 71.48 23.76
CA VAL B 398 -46.55 70.18 23.52
C VAL B 398 -47.53 69.23 22.86
N SER B 399 -47.10 68.65 21.73
CA SER B 399 -47.95 67.78 20.90
C SER B 399 -47.13 66.72 20.14
N TRP B 400 -47.77 65.58 19.91
CA TRP B 400 -47.13 64.51 19.18
C TRP B 400 -48.11 63.72 18.36
N ASP B 401 -47.58 62.79 17.56
CA ASP B 401 -48.37 61.91 16.72
C ASP B 401 -48.15 60.48 17.10
N GLU B 402 -49.22 59.73 17.27
CA GLU B 402 -49.09 58.31 17.48
C GLU B 402 -49.29 57.65 16.13
N PHE B 403 -48.41 56.73 15.77
CA PHE B 403 -48.50 56.17 14.43
C PHE B 403 -48.88 54.71 14.37
N THR B 404 -49.64 54.38 13.33
CA THR B 404 -50.03 53.03 13.03
C THR B 404 -50.14 52.88 11.51
N PHE B 405 -50.32 51.63 11.08
CA PHE B 405 -50.37 51.24 9.68
C PHE B 405 -51.61 50.38 9.47
N ASP B 406 -52.32 50.65 8.39
CA ASP B 406 -53.64 50.07 8.19
C ASP B 406 -53.52 48.62 7.70
N GLN B 407 -54.68 48.07 7.33
CA GLN B 407 -54.75 46.79 6.61
C GLN B 407 -53.96 46.91 5.29
N ASN B 408 -53.56 48.12 4.93
CA ASN B 408 -52.68 48.31 3.77
C ASN B 408 -51.25 48.69 4.11
N GLY B 409 -50.92 48.72 5.41
CA GLY B 409 -49.60 49.15 5.86
C GLY B 409 -49.29 50.59 5.49
N LYS B 410 -50.36 51.40 5.44
CA LYS B 410 -50.20 52.85 5.33
C LYS B 410 -50.03 53.39 6.76
N GLU B 411 -49.20 54.43 6.89
CA GLU B 411 -49.02 55.08 8.18
C GLU B 411 -50.26 55.89 8.52
N VAL B 412 -50.96 55.50 9.59
CA VAL B 412 -52.13 56.23 10.09
C VAL B 412 -51.71 57.12 11.27
N LEU B 413 -51.80 58.43 11.08
CA LEU B 413 -51.37 59.40 12.08
C LEU B 413 -52.49 59.92 13.00
N THR B 414 -52.49 59.49 14.26
CA THR B 414 -53.46 59.93 15.27
C THR B 414 -52.92 61.06 16.11
N HIS B 415 -53.20 62.31 15.72
CA HIS B 415 -52.66 63.46 16.47
C HIS B 415 -53.08 63.51 17.95
N LYS B 416 -52.11 63.72 18.84
CA LYS B 416 -52.37 63.88 20.28
C LYS B 416 -51.84 65.22 20.77
N THR B 417 -52.42 65.70 21.86
CA THR B 417 -52.08 67.05 22.30
C THR B 417 -52.09 67.23 23.84
N TRP B 418 -51.06 67.87 24.36
CA TRP B 418 -50.89 67.94 25.81
C TRP B 418 -51.97 68.77 26.45
N GLU B 419 -52.65 68.17 27.43
CA GLU B 419 -53.73 68.83 28.18
C GLU B 419 -53.47 70.29 28.50
N GLY B 420 -52.41 70.53 29.28
CA GLY B 420 -52.08 71.88 29.70
C GLY B 420 -51.47 72.72 28.61
N SER B 421 -51.66 72.31 27.38
CA SER B 421 -50.99 73.05 26.33
C SER B 421 -51.61 74.45 26.19
N GLY B 422 -50.81 75.50 26.36
CA GLY B 422 -51.33 76.87 26.23
C GLY B 422 -51.67 77.58 27.56
N LYS B 423 -51.86 76.81 28.62
CA LYS B 423 -52.07 77.35 29.95
C LYS B 423 -50.86 78.09 30.55
N ASP B 424 -51.14 79.18 31.27
CA ASP B 424 -50.17 79.98 31.99
C ASP B 424 -49.58 79.14 33.12
N LYS B 425 -48.28 79.24 33.36
CA LYS B 425 -47.65 78.47 34.43
C LYS B 425 -46.64 79.29 35.19
N THR B 426 -46.68 79.20 36.51
CA THR B 426 -45.76 79.98 37.37
C THR B 426 -44.73 79.13 38.10
N ALA B 427 -43.51 79.66 38.20
CA ALA B 427 -42.42 78.97 38.87
C ALA B 427 -42.85 78.67 40.29
N HIS B 428 -42.48 77.50 40.83
CA HIS B 428 -41.84 76.42 40.08
C HIS B 428 -42.92 75.50 39.61
N TYR B 429 -42.87 75.07 38.36
CA TYR B 429 -43.88 74.11 37.89
C TYR B 429 -43.20 72.90 37.25
N SER B 430 -43.89 71.76 37.27
CA SER B 430 -43.38 70.59 36.59
C SER B 430 -44.46 69.57 36.46
N THR B 431 -44.29 68.71 35.49
CA THR B 431 -45.29 67.72 35.18
C THR B 431 -44.55 66.62 34.44
N VAL B 432 -45.27 65.54 34.14
CA VAL B 432 -44.67 64.41 33.49
C VAL B 432 -45.60 64.02 32.40
N ILE B 433 -45.15 64.15 31.16
CA ILE B 433 -45.97 63.76 30.04
C ILE B 433 -45.48 62.41 29.51
N PRO B 434 -46.30 61.34 29.67
CA PRO B 434 -46.00 60.01 29.14
C PRO B 434 -46.17 60.06 27.65
N LEU B 435 -45.25 59.45 26.91
CA LEU B 435 -45.41 59.28 25.47
C LEU B 435 -45.34 57.78 25.17
N PRO B 436 -46.36 57.24 24.49
CA PRO B 436 -46.30 55.80 24.25
C PRO B 436 -45.22 55.53 23.19
N PRO B 437 -44.72 54.29 23.12
CA PRO B 437 -43.52 54.04 22.33
C PRO B 437 -43.73 54.39 20.87
N ASN B 438 -44.96 54.34 20.38
CA ASN B 438 -45.16 54.64 18.97
C ASN B 438 -45.46 56.11 18.61
N SER B 439 -44.62 57.01 19.12
CA SER B 439 -44.83 58.44 19.03
C SER B 439 -43.94 59.14 18.01
N LYS B 440 -44.34 60.28 17.49
CA LYS B 440 -43.64 60.81 16.36
C LYS B 440 -43.99 62.28 16.05
N ASN B 441 -43.02 63.02 15.51
CA ASN B 441 -43.20 64.46 15.24
C ASN B 441 -43.15 65.31 16.51
N ILE B 442 -43.26 64.64 17.64
CA ILE B 442 -43.25 65.30 18.94
C ILE B 442 -43.71 66.77 19.02
N LYS B 443 -42.76 67.71 18.81
CA LYS B 443 -43.03 69.19 18.89
C LYS B 443 -43.24 69.84 20.29
N ILE B 444 -42.46 70.87 20.58
CA ILE B 444 -42.45 71.49 21.89
C ILE B 444 -42.21 73.00 21.82
N VAL B 445 -43.21 73.79 22.22
CA VAL B 445 -42.97 75.24 22.38
C VAL B 445 -42.96 75.66 23.83
N ALA B 446 -42.08 76.61 24.11
CA ALA B 446 -42.17 77.38 25.33
C ALA B 446 -42.22 78.86 25.02
N ARG B 447 -43.31 79.51 25.42
CA ARG B 447 -43.37 80.97 25.39
C ARG B 447 -43.19 81.59 26.78
N GLU B 448 -42.39 82.63 26.85
CA GLU B 448 -42.27 83.36 28.08
C GLU B 448 -42.99 84.69 28.01
N CYS B 449 -44.04 84.89 28.81
CA CYS B 449 -44.63 86.22 28.88
C CYS B 449 -43.62 87.27 29.39
N THR B 450 -43.73 88.50 28.90
CA THR B 450 -42.60 89.40 28.94
C THR B 450 -43.01 90.84 29.35
N GLY B 451 -44.19 90.91 29.95
CA GLY B 451 -44.76 92.15 30.47
C GLY B 451 -45.92 91.74 31.37
N LEU B 452 -47.01 92.52 31.34
CA LEU B 452 -48.21 92.21 32.11
C LEU B 452 -49.31 91.62 31.24
N ALA B 453 -50.24 90.89 31.87
CA ALA B 453 -51.18 90.08 31.10
C ALA B 453 -50.31 89.34 30.10
N TRP B 454 -50.68 89.42 28.82
CA TRP B 454 -49.75 88.94 27.81
C TRP B 454 -49.38 90.01 26.82
N GLU B 455 -49.22 91.20 27.38
CA GLU B 455 -48.79 92.35 26.63
C GLU B 455 -47.87 91.93 25.50
N TRP B 456 -46.78 91.26 25.85
CA TRP B 456 -45.74 90.91 24.91
C TRP B 456 -45.18 89.62 25.43
N TRP B 457 -44.55 88.84 24.55
CA TRP B 457 -43.91 87.60 24.98
C TRP B 457 -42.85 87.20 23.99
N ARG B 458 -41.96 86.32 24.46
CA ARG B 458 -40.82 85.88 23.68
C ARG B 458 -40.91 84.39 23.59
N THR B 459 -40.46 83.84 22.48
CA THR B 459 -40.40 82.40 22.35
C THR B 459 -39.01 81.96 22.79
N ILE B 460 -38.96 80.96 23.67
CA ILE B 460 -37.71 80.49 24.24
C ILE B 460 -37.38 79.04 23.90
N ILE B 461 -38.40 78.22 23.59
CA ILE B 461 -38.20 76.82 23.21
C ILE B 461 -39.18 76.58 22.06
N ASN B 462 -38.65 76.21 20.90
CA ASN B 462 -39.50 76.02 19.70
C ASN B 462 -38.97 74.93 18.76
N GLU B 463 -39.54 73.73 18.83
CA GLU B 463 -39.00 72.57 18.14
C GLU B 463 -40.07 71.59 17.69
N GLN B 464 -40.02 71.16 16.44
CA GLN B 464 -40.75 69.92 16.11
C GLN B 464 -39.73 68.82 15.80
N ASN B 465 -40.21 67.59 15.64
CA ASN B 465 -39.32 66.46 15.42
C ASN B 465 -38.29 66.45 16.53
N VAL B 466 -38.79 66.31 17.74
CA VAL B 466 -37.90 66.12 18.86
C VAL B 466 -37.73 64.62 18.90
N PRO B 467 -36.47 64.17 18.89
CA PRO B 467 -36.01 62.83 19.03
C PRO B 467 -36.84 62.09 20.05
N LEU B 468 -37.43 60.97 19.65
CA LEU B 468 -38.12 60.11 20.61
C LEU B 468 -37.05 59.42 21.48
N THR B 469 -37.09 59.61 22.79
CA THR B 469 -35.99 59.09 23.60
C THR B 469 -36.43 58.91 25.05
N ASN B 470 -35.91 57.89 25.72
CA ASN B 470 -36.48 57.50 27.02
C ASN B 470 -36.86 58.63 27.98
N GLU B 471 -36.01 59.65 28.01
CA GLU B 471 -36.31 60.84 28.75
C GLU B 471 -36.17 62.04 27.83
N ILE B 472 -37.23 62.84 27.76
CA ILE B 472 -37.14 64.18 27.19
C ILE B 472 -37.36 65.16 28.31
N LYS B 473 -36.32 65.95 28.62
CA LYS B 473 -36.35 66.92 29.71
C LYS B 473 -36.29 68.41 29.29
N VAL B 474 -37.46 69.05 29.23
CA VAL B 474 -37.56 70.49 29.00
C VAL B 474 -37.39 71.19 30.33
N SER B 475 -36.73 72.33 30.31
CA SER B 475 -36.52 73.12 31.51
C SER B 475 -36.19 74.60 31.17
N ILE B 476 -37.18 75.46 31.42
CA ILE B 476 -37.04 76.90 31.20
C ILE B 476 -36.75 77.53 32.57
N GLY B 477 -36.00 78.62 32.60
CA GLY B 477 -35.48 79.14 33.86
C GLY B 477 -35.07 80.61 33.81
N GLY B 478 -34.15 81.01 34.68
CA GLY B 478 -33.62 82.37 34.72
C GLY B 478 -34.57 83.56 34.84
N THR B 479 -34.07 84.71 34.39
CA THR B 479 -34.73 86.00 34.38
C THR B 479 -35.67 86.12 33.22
N THR B 480 -36.66 86.98 33.38
CA THR B 480 -37.48 87.58 32.28
C THR B 480 -36.67 88.10 31.09
N LEU B 481 -35.72 88.98 31.39
CA LEU B 481 -34.85 89.56 30.38
C LEU B 481 -33.89 88.55 29.78
N TYR B 482 -33.43 87.59 30.59
CA TYR B 482 -32.42 86.59 30.20
C TYR B 482 -32.82 85.15 30.58
N PRO B 483 -33.73 84.52 29.81
CA PRO B 483 -34.27 83.24 30.19
C PRO B 483 -33.23 82.12 30.02
N THR B 484 -33.56 80.92 30.46
CA THR B 484 -32.69 79.78 30.23
C THR B 484 -33.62 78.71 29.70
N ALA B 485 -33.28 78.08 28.58
CA ALA B 485 -34.22 77.10 28.03
C ALA B 485 -33.47 76.00 27.32
N THR B 486 -33.83 74.75 27.60
CA THR B 486 -33.07 73.64 27.06
C THR B 486 -33.87 72.35 27.08
N ILE B 487 -33.90 71.63 25.97
CA ILE B 487 -34.33 70.26 26.03
C ILE B 487 -33.13 69.34 26.24
N SER B 488 -33.26 68.43 27.20
CA SER B 488 -32.22 67.45 27.49
C SER B 488 -32.70 66.05 27.28
N HIS B 489 -32.03 65.35 26.39
CA HIS B 489 -32.38 63.98 26.04
C HIS B 489 -31.71 62.96 26.96
#